data_8OR6
#
_entry.id   8OR6
#
_cell.length_a   80.440
_cell.length_b   73.090
_cell.length_c   99.290
_cell.angle_alpha   90.000
_cell.angle_beta   98.270
_cell.angle_gamma   90.000
#
_symmetry.space_group_name_H-M   'P 1 21 1'
#
loop_
_entity.id
_entity.type
_entity.pdbx_description
1 polymer 'Alpha-amylase A'
2 non-polymer 'CHLORIDE ION'
3 non-polymer 'STRONTIUM ION'
4 water water
#
_entity_poly.entity_id   1
_entity_poly.type   'polypeptide(L)'
_entity_poly.pdbx_seq_one_letter_code
;MFLAKSIVCLALLAVANAQFDTNYASGRSGMVHLFEWKWDDIAAECENFLGPNGYAGVQVSPVNENAVKDSRPWWERYQP
ISYKLETRSGNEEQFASMVKRCNAVGVRTYVDVVFNHMAADGGTYGTGGSTASPSSKSYPGVPYSSLDFNPTCAISNYND
ANEVRNCELVGLRDLNQGNSYVQDKVVEFLDHLIDLGVAGFRVDAAKHMWPADLAVIYGRLKNLNTDHGFASGSKAYIVQ
EVIDMGGEAISKSEYTGLGAITEFRHSDSIGKVFRGKDQLQYLTNWGTAWGFAASDRSLVFVDNHDNQRGHGAGGADVLT
YKVPKQYKMASAFMLAHPFGTPRVMSSFSFTDTDQGPPTTDGHNIASPIFNSDNSCSGGWVCEHRWRQIYNMVAFRNAVG
SDEIQNWWDNGSNQISFSRGSRGFVAFNNDNYDLNSSLQTGLPAGTYCDVISGSKSGSSCTGKTVTVGSDGRASINIGSS
EDDGVLAIHVNAKL
;
_entity_poly.pdbx_strand_id   A,B
#
loop_
_chem_comp.id
_chem_comp.type
_chem_comp.name
_chem_comp.formula
CL non-polymer 'CHLORIDE ION' 'Cl -1'
SR non-polymer 'STRONTIUM ION' 'Sr 2'
#
# COMPACT_ATOMS: atom_id res chain seq x y z
N GLN A 19 16.29 30.08 28.67
CA GLN A 19 16.99 29.84 27.41
C GLN A 19 17.30 28.36 27.23
N PHE A 20 17.26 27.62 28.34
CA PHE A 20 17.49 26.18 28.32
C PHE A 20 16.25 25.37 28.59
N ASP A 21 15.17 25.98 29.08
CA ASP A 21 13.94 25.28 29.36
C ASP A 21 13.07 25.25 28.11
N THR A 22 12.55 24.07 27.77
CA THR A 22 11.76 23.91 26.55
C THR A 22 10.40 24.58 26.64
N ASN A 23 9.89 24.81 27.85
CA ASN A 23 8.54 25.33 28.08
C ASN A 23 7.47 24.35 27.60
N TYR A 24 7.81 23.06 27.50
CA TYR A 24 6.85 22.04 27.12
C TYR A 24 5.68 22.03 28.10
N ALA A 25 4.51 21.63 27.59
CA ALA A 25 3.38 21.40 28.46
C ALA A 25 3.60 20.12 29.27
N SER A 26 2.76 19.93 30.28
CA SER A 26 2.97 18.84 31.23
C SER A 26 2.78 17.49 30.55
N GLY A 27 3.70 16.57 30.84
CA GLY A 27 3.57 15.20 30.40
C GLY A 27 3.71 14.95 28.92
N ARG A 28 4.39 15.83 28.20
CA ARG A 28 4.52 15.70 26.74
C ARG A 28 5.99 15.65 26.34
N SER A 29 6.22 15.10 25.16
CA SER A 29 7.56 14.99 24.61
C SER A 29 7.47 14.93 23.08
N GLY A 30 8.54 15.34 22.42
CA GLY A 30 8.61 15.27 20.98
C GLY A 30 8.32 16.57 20.26
N MET A 31 9.32 17.08 19.54
CA MET A 31 9.16 18.26 18.70
C MET A 31 9.10 17.82 17.24
N VAL A 32 8.04 18.20 16.54
CA VAL A 32 7.83 17.81 15.15
C VAL A 32 8.18 18.99 14.25
N HIS A 33 9.07 18.77 13.30
CA HIS A 33 9.40 19.78 12.30
C HIS A 33 8.47 19.56 11.11
N LEU A 34 7.39 20.35 11.05
CA LEU A 34 6.42 20.25 9.96
C LEU A 34 6.96 21.05 8.78
N PHE A 35 7.93 20.45 8.10
CA PHE A 35 8.66 21.06 6.99
C PHE A 35 7.73 21.57 5.89
N GLU A 36 7.66 22.89 5.75
CA GLU A 36 6.97 23.58 4.65
C GLU A 36 5.45 23.46 4.73
N TRP A 37 4.90 23.15 5.89
CA TRP A 37 3.46 23.16 6.05
C TRP A 37 2.95 24.59 6.17
N LYS A 38 1.69 24.80 5.79
CA LYS A 38 1.06 26.09 6.01
C LYS A 38 0.39 26.13 7.38
N TRP A 39 0.22 27.34 7.90
CA TRP A 39 -0.26 27.51 9.27
C TRP A 39 -1.64 26.91 9.47
N ASP A 40 -2.53 27.05 8.47
CA ASP A 40 -3.87 26.51 8.59
C ASP A 40 -3.85 24.99 8.77
N ASP A 41 -2.97 24.30 8.04
CA ASP A 41 -2.89 22.85 8.17
C ASP A 41 -2.23 22.44 9.49
N ILE A 42 -1.33 23.28 10.02
CA ILE A 42 -0.67 22.94 11.27
C ILE A 42 -1.64 23.07 12.44
N ALA A 43 -2.49 24.10 12.43
CA ALA A 43 -3.46 24.27 13.50
C ALA A 43 -4.43 23.10 13.56
N ALA A 44 -4.85 22.60 12.40
CA ALA A 44 -5.76 21.45 12.37
C ALA A 44 -5.05 20.19 12.85
N GLU A 45 -3.78 20.03 12.49
CA GLU A 45 -3.03 18.84 12.91
C GLU A 45 -2.76 18.85 14.41
N CYS A 46 -2.66 20.03 15.02
CA CYS A 46 -2.49 20.12 16.46
C CYS A 46 -3.68 19.53 17.20
N GLU A 47 -4.89 19.87 16.75
CA GLU A 47 -6.10 19.43 17.43
C GLU A 47 -6.50 18.00 17.06
N ASN A 48 -6.16 17.55 15.85
CA ASN A 48 -6.60 16.25 15.39
C ASN A 48 -5.63 15.12 15.71
N PHE A 49 -4.33 15.41 15.76
CA PHE A 49 -3.35 14.35 15.95
C PHE A 49 -2.32 14.66 17.01
N LEU A 50 -1.62 15.80 16.86
CA LEU A 50 -0.49 16.10 17.73
C LEU A 50 -0.92 16.23 19.19
N GLY A 51 -2.02 16.93 19.44
CA GLY A 51 -2.56 17.09 20.77
C GLY A 51 -2.92 15.77 21.44
N PRO A 52 -3.87 15.03 20.85
CA PRO A 52 -4.33 13.79 21.50
C PRO A 52 -3.34 12.63 21.44
N ASN A 53 -2.13 12.87 20.93
CA ASN A 53 -1.13 11.81 20.86
C ASN A 53 0.11 12.10 21.70
N GLY A 54 0.10 13.19 22.47
CA GLY A 54 1.16 13.44 23.44
C GLY A 54 2.38 14.18 22.92
N TYR A 55 2.31 14.73 21.71
CA TYR A 55 3.43 15.50 21.19
C TYR A 55 3.57 16.82 21.95
N ALA A 56 4.80 17.34 21.98
CA ALA A 56 5.13 18.50 22.82
C ALA A 56 5.19 19.81 22.05
N GLY A 57 5.65 19.81 20.81
CA GLY A 57 5.81 21.06 20.09
C GLY A 57 5.95 20.83 18.61
N VAL A 58 5.87 21.95 17.88
CA VAL A 58 5.99 21.96 16.43
C VAL A 58 7.01 23.01 16.03
N GLN A 59 7.95 22.63 15.17
CA GLN A 59 8.92 23.56 14.59
C GLN A 59 8.43 23.94 13.19
N VAL A 60 8.26 25.23 12.96
CA VAL A 60 7.71 25.74 11.72
C VAL A 60 8.83 26.27 10.85
N SER A 61 8.55 26.37 9.54
CA SER A 61 9.46 27.01 8.62
C SER A 61 9.51 28.51 8.89
N PRO A 62 10.51 29.21 8.37
CA PRO A 62 10.57 30.66 8.56
C PRO A 62 9.27 31.35 8.21
N VAL A 63 8.79 32.19 9.13
CA VAL A 63 7.48 32.82 9.00
C VAL A 63 7.56 34.20 8.35
N ASN A 64 8.75 34.71 8.08
CA ASN A 64 8.93 36.04 7.51
C ASN A 64 9.07 35.98 6.00
N GLU A 65 8.82 37.12 5.36
CA GLU A 65 8.81 37.20 3.91
C GLU A 65 10.17 36.80 3.34
N ASN A 66 10.14 35.95 2.32
CA ASN A 66 11.33 35.44 1.66
C ASN A 66 11.30 35.79 0.18
N ALA A 67 12.44 35.59 -0.48
CA ALA A 67 12.55 35.88 -1.90
C ALA A 67 11.92 34.77 -2.73
N VAL A 68 11.21 35.17 -3.78
CA VAL A 68 10.61 34.23 -4.73
C VAL A 68 11.66 33.87 -5.77
N LYS A 69 11.89 32.58 -5.96
CA LYS A 69 12.88 32.12 -6.93
C LYS A 69 12.24 31.10 -7.89
N ASP A 70 12.88 30.94 -9.03
CA ASP A 70 12.39 30.07 -10.09
C ASP A 70 12.24 28.63 -9.58
N SER A 71 11.14 27.99 -9.99
CA SER A 71 10.75 26.63 -9.63
C SER A 71 10.38 26.50 -8.16
N ARG A 72 10.38 27.59 -7.40
CA ARG A 72 10.04 27.62 -5.97
C ARG A 72 10.78 26.54 -5.19
N PRO A 73 12.11 26.64 -5.07
CA PRO A 73 12.84 25.65 -4.28
C PRO A 73 12.60 25.86 -2.79
N TRP A 74 12.86 24.81 -2.01
CA TRP A 74 12.66 24.89 -0.58
C TRP A 74 13.62 25.89 0.07
N TRP A 75 14.83 26.04 -0.47
CA TRP A 75 15.82 26.92 0.13
C TRP A 75 15.58 28.39 -0.17
N GLU A 76 14.50 28.74 -0.87
CA GLU A 76 14.16 30.14 -1.06
C GLU A 76 13.67 30.79 0.24
N ARG A 77 13.18 29.98 1.18
CA ARG A 77 12.66 30.51 2.44
C ARG A 77 13.75 30.86 3.43
N TYR A 78 15.02 30.70 3.06
CA TYR A 78 16.14 31.13 3.88
C TYR A 78 16.87 32.31 3.27
N GLN A 79 16.18 33.05 2.39
CA GLN A 79 16.67 34.29 1.79
C GLN A 79 15.67 35.39 2.15
N PRO A 80 15.78 35.98 3.33
CA PRO A 80 14.74 36.90 3.79
C PRO A 80 14.69 38.17 2.96
N ILE A 81 13.48 38.62 2.67
CA ILE A 81 13.23 39.89 2.03
C ILE A 81 12.84 40.97 3.05
N SER A 82 11.99 40.60 4.01
CA SER A 82 11.58 41.49 5.07
C SER A 82 11.18 40.66 6.28
N TYR A 83 10.76 41.34 7.34
CA TYR A 83 10.28 40.67 8.55
C TYR A 83 8.76 40.66 8.65
N LYS A 84 8.07 40.95 7.55
CA LYS A 84 6.62 40.80 7.53
C LYS A 84 6.25 39.33 7.47
N LEU A 85 5.23 38.95 8.24
CA LEU A 85 4.79 37.56 8.31
C LEU A 85 3.92 37.28 7.10
N GLU A 86 4.59 37.05 5.97
CA GLU A 86 3.92 36.83 4.69
C GLU A 86 4.73 35.80 3.90
N THR A 87 4.31 34.54 3.97
CA THR A 87 4.97 33.44 3.27
C THR A 87 3.93 32.63 2.52
N ARG A 88 4.41 31.60 1.81
CA ARG A 88 3.49 30.64 1.20
C ARG A 88 2.70 29.86 2.24
N SER A 89 3.19 29.85 3.49
CA SER A 89 2.49 29.16 4.57
C SER A 89 1.30 29.96 5.10
N GLY A 90 1.24 31.26 4.83
CA GLY A 90 0.12 32.08 5.24
C GLY A 90 0.60 33.46 5.64
N ASN A 91 -0.30 34.20 6.28
CA ASN A 91 -0.02 35.55 6.75
C ASN A 91 0.02 35.57 8.27
N GLU A 92 0.22 36.77 8.82
CA GLU A 92 0.30 36.92 10.27
C GLU A 92 -0.99 36.51 10.95
N GLU A 93 -2.14 36.82 10.33
CA GLU A 93 -3.42 36.49 10.94
C GLU A 93 -3.60 34.99 11.06
N GLN A 94 -3.13 34.23 10.08
CA GLN A 94 -3.22 32.77 10.15
C GLN A 94 -2.17 32.19 11.08
N PHE A 95 -0.98 32.79 11.13
CA PHE A 95 0.07 32.31 12.03
C PHE A 95 -0.32 32.51 13.49
N ALA A 96 -0.90 33.68 13.82
CA ALA A 96 -1.29 33.94 15.19
C ALA A 96 -2.41 33.00 15.64
N SER A 97 -3.39 32.76 14.77
CA SER A 97 -4.46 31.82 15.11
C SER A 97 -3.94 30.40 15.25
N MET A 98 -2.88 30.06 14.50
CA MET A 98 -2.30 28.72 14.62
C MET A 98 -1.62 28.52 15.97
N VAL A 99 -0.89 29.53 16.45
CA VAL A 99 -0.22 29.42 17.74
C VAL A 99 -1.25 29.30 18.86
N LYS A 100 -2.33 30.09 18.78
CA LYS A 100 -3.36 30.03 19.81
C LYS A 100 -4.06 28.68 19.83
N ARG A 101 -4.34 28.11 18.65
CA ARG A 101 -5.05 26.84 18.59
C ARG A 101 -4.15 25.68 19.01
N CYS A 102 -2.86 25.74 18.71
CA CYS A 102 -1.95 24.68 19.13
C CYS A 102 -1.66 24.75 20.62
N ASN A 103 -1.55 25.96 21.17
CA ASN A 103 -1.32 26.10 22.60
C ASN A 103 -2.52 25.63 23.41
N ALA A 104 -3.72 25.66 22.83
CA ALA A 104 -4.91 25.23 23.56
C ALA A 104 -4.96 23.73 23.76
N VAL A 105 -4.26 22.96 22.93
CA VAL A 105 -4.19 21.50 23.08
C VAL A 105 -2.84 21.06 23.64
N GLY A 106 -2.02 21.99 24.10
CA GLY A 106 -0.77 21.66 24.75
C GLY A 106 0.43 21.50 23.85
N VAL A 107 0.38 22.01 22.63
CA VAL A 107 1.48 21.91 21.68
C VAL A 107 2.10 23.30 21.51
N ARG A 108 3.38 23.41 21.79
CA ARG A 108 4.10 24.68 21.70
C ARG A 108 4.60 24.91 20.27
N THR A 109 4.95 26.17 20.00
CA THR A 109 5.43 26.58 18.69
C THR A 109 6.86 27.10 18.81
N TYR A 110 7.72 26.66 17.90
CA TYR A 110 9.11 27.12 17.84
C TYR A 110 9.41 27.52 16.40
N VAL A 111 9.94 28.74 16.23
CA VAL A 111 10.05 29.35 14.91
C VAL A 111 11.49 29.26 14.43
N ASP A 112 11.67 28.86 13.17
CA ASP A 112 12.96 28.89 12.50
C ASP A 112 13.23 30.33 12.06
N VAL A 113 14.18 30.99 12.71
CA VAL A 113 14.44 32.41 12.50
C VAL A 113 15.79 32.58 11.80
N VAL A 114 15.82 33.45 10.80
CA VAL A 114 17.01 33.66 9.96
C VAL A 114 17.33 35.15 10.00
N PHE A 115 18.37 35.52 10.77
CA PHE A 115 18.84 36.90 10.80
C PHE A 115 20.35 37.00 10.61
N ASN A 116 21.00 35.94 10.12
CA ASN A 116 22.40 36.03 9.75
C ASN A 116 22.59 36.72 8.41
N HIS A 117 21.58 36.73 7.55
CA HIS A 117 21.74 37.23 6.20
C HIS A 117 20.39 37.65 5.65
N MET A 118 20.42 38.32 4.50
CA MET A 118 19.24 38.60 3.70
C MET A 118 19.39 37.94 2.33
N ALA A 119 18.41 38.19 1.46
CA ALA A 119 18.39 37.50 0.17
C ALA A 119 19.59 37.90 -0.70
N ALA A 120 20.00 36.97 -1.56
CA ALA A 120 21.13 37.19 -2.45
C ALA A 120 20.64 37.79 -3.77
N ASP A 121 21.57 37.98 -4.70
CA ASP A 121 21.24 38.56 -5.99
C ASP A 121 20.26 37.67 -6.75
N GLY A 122 19.39 38.30 -7.53
CA GLY A 122 18.34 37.60 -8.23
C GLY A 122 17.03 37.50 -7.47
N GLY A 123 17.00 37.93 -6.21
CA GLY A 123 15.77 37.91 -5.43
C GLY A 123 15.19 39.30 -5.27
N THR A 124 14.48 39.77 -6.29
CA THR A 124 13.93 41.12 -6.31
C THR A 124 12.51 41.19 -5.75
N TYR A 125 11.78 40.09 -5.73
CA TYR A 125 10.40 40.07 -5.28
C TYR A 125 10.27 39.24 -4.01
N GLY A 126 9.31 39.63 -3.17
CA GLY A 126 9.07 38.92 -1.93
C GLY A 126 7.74 38.19 -1.93
N THR A 127 7.57 37.25 -0.99
CA THR A 127 6.35 36.45 -0.92
C THR A 127 5.15 37.24 -0.39
N GLY A 128 5.32 38.50 0.01
CA GLY A 128 4.22 39.25 0.57
C GLY A 128 4.04 40.64 -0.02
N GLY A 129 4.60 40.87 -1.20
CA GLY A 129 4.44 42.12 -1.91
C GLY A 129 5.64 43.04 -1.86
N SER A 130 6.57 42.80 -0.94
CA SER A 130 7.74 43.66 -0.83
C SER A 130 8.72 43.38 -1.97
N THR A 131 9.55 44.39 -2.26
CA THR A 131 10.62 44.27 -3.24
C THR A 131 11.94 44.59 -2.57
N ALA A 132 13.03 44.17 -3.22
CA ALA A 132 14.36 44.42 -2.67
C ALA A 132 15.38 44.47 -3.79
N SER A 133 16.58 44.95 -3.46
CA SER A 133 17.68 45.07 -4.41
C SER A 133 18.96 44.63 -3.72
N PRO A 134 19.24 43.32 -3.71
CA PRO A 134 20.43 42.83 -3.01
C PRO A 134 21.74 43.29 -3.64
N SER A 135 21.73 43.74 -4.90
CA SER A 135 22.97 44.25 -5.50
C SER A 135 23.45 45.50 -4.80
N SER A 136 22.54 46.35 -4.32
CA SER A 136 22.88 47.53 -3.56
C SER A 136 22.66 47.34 -2.06
N LYS A 137 22.31 46.12 -1.63
CA LYS A 137 22.04 45.81 -0.22
C LYS A 137 20.94 46.71 0.35
N SER A 138 19.90 46.94 -0.44
CA SER A 138 18.78 47.80 -0.06
C SER A 138 17.54 46.93 0.08
N TYR A 139 16.93 46.95 1.27
CA TYR A 139 15.74 46.15 1.58
C TYR A 139 14.71 47.06 2.25
N PRO A 140 13.80 47.64 1.46
CA PRO A 140 12.85 48.62 2.03
C PRO A 140 11.84 48.02 3.00
N GLY A 141 11.74 46.69 3.11
CA GLY A 141 10.78 46.13 4.04
C GLY A 141 11.21 46.18 5.49
N VAL A 142 12.50 46.03 5.76
CA VAL A 142 13.03 46.07 7.12
C VAL A 142 13.53 47.48 7.42
N PRO A 143 13.29 48.45 6.53
CA PRO A 143 14.29 49.49 6.30
C PRO A 143 15.72 49.04 6.58
N TYR A 144 16.35 48.41 5.60
CA TYR A 144 17.74 47.99 5.68
C TYR A 144 18.51 48.67 4.56
N SER A 145 19.72 49.13 4.88
CA SER A 145 20.60 49.74 3.90
C SER A 145 21.96 49.05 3.93
N SER A 146 22.81 49.41 2.96
CA SER A 146 24.14 48.81 2.88
C SER A 146 24.97 49.06 4.13
N LEU A 147 24.67 50.12 4.88
CA LEU A 147 25.39 50.41 6.12
C LEU A 147 25.14 49.35 7.19
N ASP A 148 24.11 48.53 7.04
CA ASP A 148 23.74 47.54 8.04
C ASP A 148 24.38 46.17 7.78
N PHE A 149 25.28 46.07 6.81
CA PHE A 149 25.88 44.81 6.43
C PHE A 149 27.40 44.89 6.57
N ASN A 150 28.03 43.72 6.60
CA ASN A 150 29.48 43.64 6.58
C ASN A 150 30.00 43.90 5.16
N PRO A 151 31.26 44.33 5.03
CA PRO A 151 31.83 44.51 3.70
C PRO A 151 31.78 43.23 2.88
N THR A 152 31.62 43.39 1.57
CA THR A 152 31.40 42.26 0.68
C THR A 152 32.64 41.38 0.61
N CYS A 153 32.49 40.11 0.96
CA CYS A 153 33.55 39.12 0.86
C CYS A 153 32.93 37.73 0.93
N ALA A 154 33.65 36.74 0.42
CA ALA A 154 33.15 35.38 0.32
C ALA A 154 33.88 34.45 1.28
N ILE A 155 33.17 33.42 1.74
CA ILE A 155 33.73 32.41 2.63
C ILE A 155 34.41 31.35 1.77
N SER A 156 35.73 31.27 1.88
CA SER A 156 36.54 30.30 1.13
C SER A 156 37.36 29.37 1.99
N ASN A 157 37.86 29.83 3.14
CA ASN A 157 38.76 29.03 3.96
C ASN A 157 38.03 28.06 4.88
N TYR A 158 37.03 28.57 5.62
CA TYR A 158 36.21 27.79 6.56
C TYR A 158 36.98 27.34 7.79
N ASN A 159 38.30 27.51 7.81
CA ASN A 159 39.10 27.28 9.01
C ASN A 159 39.48 28.57 9.71
N ASP A 160 39.10 29.73 9.17
CA ASP A 160 39.36 31.03 9.77
C ASP A 160 38.08 31.49 10.44
N ALA A 161 38.03 31.40 11.77
CA ALA A 161 36.81 31.71 12.51
C ALA A 161 36.33 33.14 12.27
N ASN A 162 37.21 34.04 11.84
CA ASN A 162 36.79 35.40 11.55
C ASN A 162 36.17 35.50 10.16
N GLU A 163 36.67 34.72 9.20
CA GLU A 163 36.12 34.73 7.85
C GLU A 163 34.78 34.01 7.75
N VAL A 164 34.50 33.07 8.65
CA VAL A 164 33.24 32.34 8.60
C VAL A 164 32.09 33.17 9.14
N ARG A 165 32.38 34.12 10.05
CA ARG A 165 31.34 34.87 10.72
C ARG A 165 31.16 36.29 10.17
N ASN A 166 32.00 36.70 9.22
CA ASN A 166 31.94 38.06 8.68
C ASN A 166 31.84 38.14 7.17
N CYS A 167 31.96 37.01 6.46
CA CYS A 167 31.89 36.98 5.00
C CYS A 167 30.54 36.41 4.56
N GLU A 168 30.28 36.51 3.26
CA GLU A 168 28.98 36.15 2.71
C GLU A 168 28.92 34.66 2.42
N LEU A 169 27.90 34.00 2.95
CA LEU A 169 27.67 32.58 2.73
C LEU A 169 26.79 32.41 1.50
N VAL A 170 27.36 31.83 0.44
CA VAL A 170 26.70 31.59 -0.84
C VAL A 170 25.97 32.86 -1.27
N GLY A 171 26.70 33.97 -1.30
CA GLY A 171 26.18 35.22 -1.81
C GLY A 171 25.15 35.91 -0.94
N LEU A 172 24.78 35.31 0.19
CA LEU A 172 23.79 35.91 1.07
C LEU A 172 24.38 37.11 1.78
N ARG A 173 23.68 38.25 1.72
CA ARG A 173 24.17 39.49 2.28
C ARG A 173 24.36 39.38 3.78
N ASP A 174 25.60 39.35 4.24
CA ASP A 174 25.92 39.10 5.64
C ASP A 174 25.60 40.35 6.47
N LEU A 175 24.59 40.24 7.33
CA LEU A 175 24.25 41.33 8.22
C LEU A 175 25.31 41.50 9.31
N ASN A 176 25.33 42.69 9.90
CA ASN A 176 26.26 43.03 10.98
C ASN A 176 25.46 43.08 12.28
N GLN A 177 25.46 41.97 13.03
CA GLN A 177 24.74 41.91 14.30
C GLN A 177 25.38 42.76 15.38
N GLY A 178 26.56 43.33 15.15
CA GLY A 178 27.13 44.26 16.11
C GLY A 178 26.58 45.66 16.04
N ASN A 179 25.95 46.02 14.93
CA ASN A 179 25.29 47.32 14.81
C ASN A 179 24.06 47.39 15.70
N SER A 180 23.90 48.52 16.40
CA SER A 180 22.77 48.67 17.30
C SER A 180 21.45 48.75 16.55
N TYR A 181 21.47 49.25 15.32
CA TYR A 181 20.25 49.29 14.52
C TYR A 181 19.79 47.90 14.11
N VAL A 182 20.74 47.03 13.72
CA VAL A 182 20.40 45.67 13.38
C VAL A 182 19.94 44.90 14.61
N GLN A 183 20.58 45.13 15.75
CA GLN A 183 20.14 44.52 17.00
C GLN A 183 18.71 44.92 17.33
N ASP A 184 18.35 46.17 17.05
CA ASP A 184 17.00 46.64 17.33
C ASP A 184 15.97 45.90 16.48
N LYS A 185 16.26 45.71 15.18
CA LYS A 185 15.29 45.10 14.29
C LYS A 185 15.08 43.62 14.61
N VAL A 186 16.15 42.92 14.98
CA VAL A 186 16.03 41.50 15.30
C VAL A 186 15.23 41.32 16.58
N VAL A 187 15.57 42.07 17.63
CA VAL A 187 14.83 42.01 18.88
C VAL A 187 13.38 42.40 18.65
N GLU A 188 13.13 43.41 17.82
CA GLU A 188 11.77 43.81 17.50
C GLU A 188 11.00 42.70 16.84
N PHE A 189 11.66 41.92 15.98
CA PHE A 189 10.98 40.83 15.28
C PHE A 189 10.74 39.64 16.19
N LEU A 190 11.72 39.27 17.01
CA LEU A 190 11.54 38.14 17.92
C LEU A 190 10.55 38.47 19.03
N ASP A 191 10.52 39.73 19.49
CA ASP A 191 9.52 40.12 20.48
C ASP A 191 8.11 40.08 19.92
N HIS A 192 7.96 40.40 18.62
CA HIS A 192 6.66 40.30 17.98
C HIS A 192 6.16 38.85 17.98
N LEU A 193 7.06 37.90 17.72
CA LEU A 193 6.68 36.49 17.74
C LEU A 193 6.33 36.03 19.14
N ILE A 194 7.02 36.56 20.16
CA ILE A 194 6.72 36.20 21.54
C ILE A 194 5.30 36.65 21.92
N ASP A 195 4.93 37.87 21.51
CA ASP A 195 3.59 38.38 21.80
C ASP A 195 2.51 37.49 21.20
N LEU A 196 2.78 36.86 20.06
CA LEU A 196 1.82 35.98 19.41
C LEU A 196 1.70 34.63 20.11
N GLY A 197 2.52 34.35 21.11
CA GLY A 197 2.42 33.14 21.88
C GLY A 197 3.49 32.09 21.60
N VAL A 198 4.60 32.47 20.97
CA VAL A 198 5.63 31.50 20.61
C VAL A 198 6.40 31.07 21.86
N ALA A 199 6.95 29.86 21.82
CA ALA A 199 7.64 29.28 22.97
C ALA A 199 9.15 29.25 22.84
N GLY A 200 9.68 29.38 21.63
CA GLY A 200 11.12 29.32 21.46
C GLY A 200 11.51 29.62 20.02
N PHE A 201 12.80 29.51 19.75
CA PHE A 201 13.36 29.86 18.46
C PHE A 201 14.46 28.89 18.07
N ARG A 202 14.50 28.53 16.79
CA ARG A 202 15.64 27.85 16.19
C ARG A 202 16.39 28.87 15.34
N VAL A 203 17.57 29.27 15.79
CA VAL A 203 18.34 30.32 15.14
C VAL A 203 19.19 29.67 14.04
N ASP A 204 18.90 30.02 12.80
CA ASP A 204 19.60 29.44 11.65
C ASP A 204 20.99 30.04 11.50
N ALA A 205 21.93 29.20 11.06
CA ALA A 205 23.30 29.63 10.75
C ALA A 205 23.96 30.32 11.94
N ALA A 206 23.74 29.77 13.13
CA ALA A 206 24.30 30.37 14.35
C ALA A 206 25.82 30.33 14.36
N LYS A 207 26.42 29.34 13.69
CA LYS A 207 27.87 29.26 13.62
C LYS A 207 28.48 30.42 12.85
N HIS A 208 27.72 31.04 11.95
CA HIS A 208 28.21 32.15 11.16
C HIS A 208 27.99 33.50 11.84
N MET A 209 27.70 33.50 13.13
CA MET A 209 27.48 34.72 13.88
C MET A 209 28.29 34.68 15.16
N TRP A 210 28.53 35.86 15.73
CA TRP A 210 29.37 35.98 16.92
C TRP A 210 28.54 35.71 18.16
N PRO A 211 29.01 34.85 19.07
CA PRO A 211 28.24 34.61 20.31
C PRO A 211 28.10 35.84 21.17
N ALA A 212 29.06 36.77 21.13
CA ALA A 212 28.96 37.98 21.92
C ALA A 212 27.78 38.84 21.47
N ASP A 213 27.56 38.92 20.16
CA ASP A 213 26.41 39.66 19.65
C ASP A 213 25.11 38.90 19.90
N LEU A 214 25.16 37.57 19.81
CA LEU A 214 23.97 36.76 20.09
C LEU A 214 23.54 36.93 21.54
N ALA A 215 24.50 37.08 22.46
CA ALA A 215 24.16 37.25 23.87
C ALA A 215 23.36 38.52 24.11
N VAL A 216 23.71 39.61 23.41
CA VAL A 216 22.98 40.86 23.55
C VAL A 216 21.55 40.70 23.05
N ILE A 217 21.37 40.05 21.89
CA ILE A 217 20.03 39.85 21.33
C ILE A 217 19.20 38.97 22.25
N TYR A 218 19.78 37.87 22.73
CA TYR A 218 19.03 36.93 23.56
C TYR A 218 18.60 37.56 24.89
N GLY A 219 19.49 38.33 25.51
CA GLY A 219 19.19 38.92 26.81
C GLY A 219 18.10 39.98 26.78
N ARG A 220 17.86 40.60 25.62
CA ARG A 220 16.87 41.66 25.51
C ARG A 220 15.46 41.16 25.26
N LEU A 221 15.28 39.88 24.98
CA LEU A 221 13.95 39.35 24.70
C LEU A 221 13.07 39.41 25.94
N LYS A 222 11.80 39.75 25.73
CA LYS A 222 10.85 39.85 26.83
C LYS A 222 10.46 38.46 27.33
N ASN A 223 9.68 38.44 28.41
CA ASN A 223 9.17 37.19 28.95
C ASN A 223 8.08 36.62 28.04
N LEU A 224 7.81 35.34 28.21
CA LEU A 224 6.79 34.67 27.40
C LEU A 224 5.40 35.14 27.79
N ASN A 225 4.49 35.14 26.81
CA ASN A 225 3.13 35.62 27.02
C ASN A 225 2.38 34.64 27.90
N THR A 226 2.07 35.07 29.14
CA THR A 226 1.37 34.21 30.08
C THR A 226 -0.06 33.91 29.64
N ASP A 227 -0.64 34.73 28.77
CA ASP A 227 -2.00 34.49 28.30
C ASP A 227 -2.14 33.15 27.58
N HIS A 228 -1.05 32.63 27.02
CA HIS A 228 -1.05 31.34 26.34
C HIS A 228 -0.70 30.18 27.27
N GLY A 229 -0.83 30.38 28.58
CA GLY A 229 -0.56 29.30 29.52
C GLY A 229 0.89 29.10 29.86
N PHE A 230 1.69 30.16 29.85
CA PHE A 230 3.08 30.09 30.25
C PHE A 230 3.24 30.58 31.69
N ALA A 231 4.12 29.94 32.43
CA ALA A 231 4.40 30.36 33.80
C ALA A 231 5.08 31.71 33.83
N SER A 232 4.85 32.46 34.90
CA SER A 232 5.46 33.77 35.05
C SER A 232 6.98 33.62 35.17
N GLY A 233 7.70 34.53 34.50
CA GLY A 233 9.15 34.44 34.49
C GLY A 233 9.72 33.48 33.48
N SER A 234 8.96 33.12 32.45
CA SER A 234 9.41 32.18 31.44
C SER A 234 10.17 32.90 30.33
N LYS A 235 11.30 32.33 29.94
CA LYS A 235 12.12 32.86 28.86
C LYS A 235 12.06 31.93 27.66
N ALA A 236 12.37 32.50 26.48
CA ALA A 236 12.24 31.75 25.24
C ALA A 236 13.31 30.69 25.12
N TYR A 237 12.91 29.49 24.71
CA TYR A 237 13.85 28.41 24.45
C TYR A 237 14.71 28.75 23.24
N ILE A 238 16.02 28.51 23.35
CA ILE A 238 16.97 28.88 22.32
C ILE A 238 17.76 27.62 21.94
N VAL A 239 17.54 27.13 20.72
CA VAL A 239 18.34 26.05 20.14
C VAL A 239 19.11 26.63 18.96
N GLN A 240 20.42 26.47 18.98
CA GLN A 240 21.30 27.07 17.99
C GLN A 240 21.76 26.03 16.97
N GLU A 241 21.72 26.41 15.69
CA GLU A 241 22.12 25.52 14.60
C GLU A 241 23.63 25.64 14.42
N VAL A 242 24.37 24.72 15.01
CA VAL A 242 25.82 24.67 14.91
C VAL A 242 26.23 23.28 14.48
N ILE A 243 27.00 23.19 13.40
CA ILE A 243 27.52 21.92 12.90
C ILE A 243 28.97 21.79 13.38
N ASP A 244 29.19 20.90 14.33
CA ASP A 244 30.50 20.66 14.92
C ASP A 244 30.73 19.15 14.96
N MET A 245 31.40 18.61 13.94
CA MET A 245 31.68 17.19 13.87
C MET A 245 32.91 16.79 14.68
N GLY A 246 33.46 17.70 15.49
CA GLY A 246 34.62 17.40 16.30
C GLY A 246 35.92 17.80 15.64
N GLY A 247 36.82 18.37 16.42
CA GLY A 247 38.10 18.82 15.87
C GLY A 247 37.97 19.91 14.83
N GLU A 248 37.13 20.90 15.09
CA GLU A 248 36.87 21.98 14.15
C GLU A 248 37.43 23.30 14.69
N ALA A 249 37.41 24.32 13.83
CA ALA A 249 37.88 25.63 14.24
C ALA A 249 36.91 26.30 15.21
N ILE A 250 35.61 26.12 14.99
CA ILE A 250 34.57 26.65 15.87
C ILE A 250 34.01 25.50 16.68
N SER A 251 33.97 25.67 18.00
CA SER A 251 33.49 24.64 18.91
C SER A 251 32.07 24.95 19.37
N LYS A 252 31.30 23.89 19.62
CA LYS A 252 29.95 24.05 20.14
C LYS A 252 29.93 24.61 21.55
N SER A 253 31.05 24.52 22.28
CA SER A 253 31.13 25.10 23.61
C SER A 253 31.06 26.62 23.59
N GLU A 254 31.30 27.24 22.43
CA GLU A 254 31.14 28.69 22.32
C GLU A 254 29.67 29.11 22.39
N TYR A 255 28.74 28.17 22.18
CA TYR A 255 27.32 28.49 22.14
C TYR A 255 26.51 27.84 23.24
N THR A 256 26.98 26.74 23.82
CA THR A 256 26.21 26.03 24.84
C THR A 256 25.97 26.86 26.09
N GLY A 257 26.66 27.98 26.25
CA GLY A 257 26.43 28.88 27.37
C GLY A 257 25.30 29.86 27.17
N LEU A 258 24.79 29.97 25.94
CA LEU A 258 23.70 30.89 25.63
C LEU A 258 22.42 30.20 25.20
N GLY A 259 22.43 28.89 25.03
CA GLY A 259 21.24 28.16 24.63
C GLY A 259 21.58 26.74 24.28
N ALA A 260 20.57 26.02 23.83
CA ALA A 260 20.78 24.66 23.37
C ALA A 260 21.41 24.67 21.97
N ILE A 261 21.97 23.53 21.59
CA ILE A 261 22.63 23.39 20.29
C ILE A 261 22.05 22.18 19.58
N THR A 262 22.22 22.18 18.26
CA THR A 262 21.88 21.04 17.43
C THR A 262 23.04 20.05 17.47
N GLU A 263 22.83 18.89 18.10
CA GLU A 263 23.88 17.89 18.27
C GLU A 263 23.88 17.00 17.04
N PHE A 264 24.65 17.41 16.03
CA PHE A 264 24.69 16.68 14.76
C PHE A 264 25.51 15.40 14.85
N ARG A 265 26.38 15.25 15.84
CA ARG A 265 27.06 13.97 16.04
C ARG A 265 26.06 12.87 16.33
N HIS A 266 24.92 13.20 16.95
CA HIS A 266 23.88 12.21 17.18
C HIS A 266 23.30 11.70 15.87
N SER A 267 23.05 12.60 14.92
CA SER A 267 22.46 12.20 13.64
C SER A 267 23.43 11.34 12.83
N ASP A 268 24.70 11.74 12.79
CA ASP A 268 25.68 10.99 12.01
C ASP A 268 26.00 9.65 12.64
N SER A 269 26.06 9.59 13.97
CA SER A 269 26.39 8.34 14.64
C SER A 269 25.23 7.36 14.59
N ILE A 270 24.00 7.84 14.84
CA ILE A 270 22.85 6.94 14.81
C ILE A 270 22.59 6.42 13.40
N GLY A 271 23.06 7.12 12.37
CA GLY A 271 22.97 6.59 11.02
C GLY A 271 23.97 5.49 10.77
N LYS A 272 25.22 5.68 11.21
CA LYS A 272 26.24 4.66 11.05
C LYS A 272 25.86 3.38 11.78
N VAL A 273 25.35 3.51 13.00
CA VAL A 273 25.10 2.35 13.84
C VAL A 273 23.99 1.49 13.24
N PHE A 274 22.86 2.10 12.90
CA PHE A 274 21.71 1.35 12.42
C PHE A 274 21.79 1.00 10.94
N ARG A 275 22.79 1.50 10.22
CA ARG A 275 23.02 1.06 8.84
C ARG A 275 23.91 -0.18 8.77
N GLY A 276 24.49 -0.61 9.88
CA GLY A 276 25.40 -1.72 9.92
C GLY A 276 26.86 -1.35 9.92
N LYS A 277 27.18 -0.06 9.74
CA LYS A 277 28.56 0.39 9.77
C LYS A 277 29.13 0.44 11.18
N ASP A 278 28.30 0.24 12.20
CA ASP A 278 28.77 0.13 13.57
C ASP A 278 27.83 -0.82 14.31
N GLN A 279 28.32 -1.35 15.43
CA GLN A 279 27.59 -2.38 16.16
C GLN A 279 26.68 -1.76 17.21
N LEU A 280 25.54 -2.42 17.46
CA LEU A 280 24.56 -1.92 18.41
C LEU A 280 25.02 -2.07 19.85
N GLN A 281 25.95 -2.99 20.12
CA GLN A 281 26.40 -3.22 21.50
C GLN A 281 27.11 -1.99 22.07
N TYR A 282 27.68 -1.16 21.21
CA TYR A 282 28.39 0.03 21.66
C TYR A 282 27.46 1.11 22.21
N LEU A 283 26.15 0.98 22.01
CA LEU A 283 25.19 1.96 22.49
C LEU A 283 25.03 1.96 24.00
N THR A 284 25.81 1.16 24.73
CA THR A 284 25.63 1.05 26.18
C THR A 284 26.07 2.32 26.91
N ASN A 285 26.89 3.16 26.29
CA ASN A 285 27.30 4.43 26.88
C ASN A 285 26.88 5.61 26.01
N TRP A 286 25.71 5.49 25.37
CA TRP A 286 25.17 6.57 24.54
C TRP A 286 25.05 7.85 25.35
N GLY A 287 25.64 8.91 24.84
CA GLY A 287 25.62 10.20 25.51
C GLY A 287 26.92 10.96 25.24
N THR A 288 27.39 11.67 26.28
CA THR A 288 28.61 12.44 26.15
C THR A 288 29.82 11.56 25.89
N ALA A 289 29.76 10.27 26.23
CA ALA A 289 30.86 9.36 25.92
C ALA A 289 31.05 9.21 24.42
N TRP A 290 30.00 9.43 23.63
CA TRP A 290 30.10 9.43 22.17
C TRP A 290 30.44 10.80 21.61
N GLY A 291 30.91 11.72 22.45
CA GLY A 291 31.27 13.05 22.00
C GLY A 291 30.15 14.06 21.95
N PHE A 292 28.97 13.72 22.45
CA PHE A 292 27.84 14.64 22.43
C PHE A 292 28.06 15.77 23.43
N ALA A 293 27.24 16.81 23.31
CA ALA A 293 27.19 17.86 24.31
C ALA A 293 26.38 17.37 25.52
N ALA A 294 26.17 18.26 26.48
CA ALA A 294 25.39 17.90 27.65
C ALA A 294 23.95 17.59 27.26
N SER A 295 23.32 16.69 28.02
CA SER A 295 21.96 16.28 27.70
C SER A 295 20.99 17.45 27.81
N ASP A 296 21.16 18.29 28.82
CA ASP A 296 20.31 19.47 28.99
C ASP A 296 20.67 20.61 28.04
N ARG A 297 21.56 20.37 27.08
CA ARG A 297 21.97 21.37 26.10
C ARG A 297 21.93 20.82 24.68
N SER A 298 21.26 19.68 24.46
CA SER A 298 21.35 18.96 23.20
C SER A 298 19.96 18.78 22.60
N LEU A 299 19.78 19.29 21.38
CA LEU A 299 18.62 18.97 20.55
C LEU A 299 19.05 17.85 19.60
N VAL A 300 18.38 16.70 19.72
CA VAL A 300 18.79 15.51 18.97
C VAL A 300 17.70 15.14 17.97
N PHE A 301 18.13 14.46 16.91
CA PHE A 301 17.23 14.08 15.82
C PHE A 301 17.94 13.04 14.98
N VAL A 302 17.15 12.26 14.24
CA VAL A 302 17.72 11.29 13.30
C VAL A 302 18.19 12.00 12.03
N ASP A 303 17.32 12.82 11.44
CA ASP A 303 17.67 13.62 10.28
C ASP A 303 16.98 14.97 10.39
N ASN A 304 17.49 15.94 9.63
CA ASN A 304 16.89 17.26 9.53
C ASN A 304 16.70 17.60 8.05
N HIS A 305 16.08 18.75 7.77
CA HIS A 305 15.73 19.09 6.40
C HIS A 305 16.96 19.20 5.51
N ASP A 306 18.13 19.47 6.09
CA ASP A 306 19.38 19.51 5.34
C ASP A 306 20.03 18.13 5.26
N ASN A 307 20.03 17.39 6.37
CA ASN A 307 20.73 16.12 6.42
C ASN A 307 20.08 15.07 5.51
N GLN A 308 18.75 15.10 5.38
CA GLN A 308 18.07 14.11 4.56
C GLN A 308 18.35 14.27 3.07
N ARG A 309 18.88 15.42 2.64
CA ARG A 309 19.16 15.65 1.23
C ARG A 309 20.59 15.34 0.83
N GLY A 310 21.39 14.83 1.75
CA GLY A 310 22.77 14.54 1.44
C GLY A 310 23.62 15.78 1.54
N HIS A 311 24.94 15.58 1.62
CA HIS A 311 25.90 16.68 1.72
C HIS A 311 25.64 17.57 2.93
N GLY A 312 24.94 17.05 3.92
CA GLY A 312 24.72 17.74 5.17
C GLY A 312 25.85 17.50 6.15
N ALA A 313 25.51 17.45 7.43
CA ALA A 313 26.52 17.21 8.45
C ALA A 313 26.93 15.75 8.51
N GLY A 314 26.03 14.83 8.16
CA GLY A 314 26.33 13.42 8.20
C GLY A 314 26.55 12.81 6.83
N GLY A 315 26.27 13.56 5.78
CA GLY A 315 26.51 13.07 4.43
C GLY A 315 25.55 11.95 4.08
N ALA A 316 26.10 10.87 3.50
CA ALA A 316 25.29 9.75 3.07
C ALA A 316 24.94 8.78 4.19
N ASP A 317 25.57 8.92 5.36
CA ASP A 317 25.29 8.04 6.48
C ASP A 317 23.97 8.37 7.18
N VAL A 318 23.36 9.51 6.86
CA VAL A 318 22.13 9.91 7.53
C VAL A 318 20.99 9.02 7.10
N LEU A 319 20.19 8.59 8.06
CA LEU A 319 19.03 7.75 7.79
C LEU A 319 17.80 8.63 7.56
N THR A 320 17.10 8.36 6.46
CA THR A 320 15.92 9.11 6.06
C THR A 320 14.74 8.15 5.93
N TYR A 321 13.57 8.72 5.59
CA TYR A 321 12.38 7.92 5.37
C TYR A 321 12.56 6.92 4.22
N LYS A 322 13.48 7.20 3.30
CA LYS A 322 13.70 6.31 2.17
C LYS A 322 14.30 4.98 2.59
N VAL A 323 14.86 4.89 3.79
CA VAL A 323 15.32 3.62 4.37
C VAL A 323 14.41 3.33 5.55
N PRO A 324 13.18 2.85 5.32
CA PRO A 324 12.16 2.90 6.40
C PRO A 324 12.46 1.99 7.57
N LYS A 325 12.90 0.75 7.33
CA LYS A 325 13.08 -0.20 8.42
C LYS A 325 14.08 0.30 9.44
N GLN A 326 15.23 0.80 8.98
CA GLN A 326 16.26 1.27 9.89
C GLN A 326 16.02 2.70 10.37
N TYR A 327 15.21 3.48 9.64
CA TYR A 327 14.84 4.80 10.12
C TYR A 327 13.89 4.70 11.31
N LYS A 328 13.00 3.71 11.30
CA LYS A 328 12.09 3.52 12.42
C LYS A 328 12.82 2.95 13.63
N MET A 329 13.79 2.07 13.42
CA MET A 329 14.59 1.54 14.52
C MET A 329 15.41 2.63 15.17
N ALA A 330 16.00 3.53 14.37
CA ALA A 330 16.79 4.62 14.92
C ALA A 330 15.91 5.62 15.68
N SER A 331 14.70 5.89 15.15
CA SER A 331 13.79 6.79 15.85
C SER A 331 13.28 6.17 17.14
N ALA A 332 13.06 4.85 17.16
CA ALA A 332 12.60 4.18 18.37
C ALA A 332 13.65 4.22 19.46
N PHE A 333 14.93 4.07 19.09
CA PHE A 333 16.00 4.10 20.09
C PHE A 333 16.14 5.50 20.70
N MET A 334 16.06 6.54 19.86
CA MET A 334 16.19 7.90 20.37
C MET A 334 15.04 8.25 21.31
N LEU A 335 13.82 7.83 20.96
CA LEU A 335 12.66 8.16 21.80
C LEU A 335 12.63 7.34 23.08
N ALA A 336 13.42 6.26 23.16
CA ALA A 336 13.50 5.48 24.38
C ALA A 336 14.67 5.87 25.27
N HIS A 337 15.67 6.55 24.71
CA HIS A 337 16.85 6.96 25.47
C HIS A 337 16.58 8.28 26.19
N PRO A 338 17.06 8.43 27.42
CA PRO A 338 16.82 9.69 28.16
C PRO A 338 17.63 10.87 27.67
N PHE A 339 18.65 10.64 26.83
CA PHE A 339 19.57 11.71 26.46
C PHE A 339 18.89 12.75 25.57
N GLY A 340 19.01 14.02 25.95
CA GLY A 340 18.68 15.12 25.07
C GLY A 340 17.19 15.38 24.92
N THR A 341 16.88 16.22 23.94
CA THR A 341 15.51 16.56 23.59
C THR A 341 15.24 16.08 22.17
N PRO A 342 14.41 15.06 21.96
CA PRO A 342 14.25 14.50 20.62
C PRO A 342 13.39 15.38 19.73
N ARG A 343 13.76 15.43 18.45
CA ARG A 343 12.98 16.11 17.43
C ARG A 343 12.76 15.16 16.26
N VAL A 344 11.51 14.95 15.89
CA VAL A 344 11.15 14.05 14.79
C VAL A 344 10.90 14.88 13.55
N MET A 345 11.41 14.40 12.42
CA MET A 345 11.27 15.11 11.15
C MET A 345 9.98 14.69 10.44
N SER A 346 9.31 15.67 9.83
CA SER A 346 8.14 15.43 9.00
C SER A 346 8.37 16.13 7.67
N SER A 347 8.69 15.35 6.65
CA SER A 347 9.13 15.87 5.35
C SER A 347 8.08 15.61 4.28
N PHE A 348 8.32 16.19 3.12
CA PHE A 348 7.60 15.84 1.91
C PHE A 348 8.51 15.01 1.00
N SER A 349 7.89 14.07 0.28
CA SER A 349 8.66 13.18 -0.58
C SER A 349 9.35 13.97 -1.69
N PHE A 350 10.58 13.59 -1.99
CA PHE A 350 11.36 14.28 -3.01
C PHE A 350 12.28 13.30 -3.71
N THR A 351 12.53 13.56 -5.00
CA THR A 351 13.56 12.87 -5.76
C THR A 351 14.62 13.83 -6.27
N ASP A 352 14.47 15.12 -6.01
CA ASP A 352 15.42 16.15 -6.41
C ASP A 352 15.66 17.06 -5.22
N THR A 353 16.93 17.23 -4.84
CA THR A 353 17.26 17.96 -3.62
C THR A 353 16.89 19.43 -3.68
N ASP A 354 16.63 19.98 -4.86
CA ASP A 354 16.17 21.36 -4.98
C ASP A 354 14.66 21.48 -5.04
N GLN A 355 13.94 20.39 -5.31
CA GLN A 355 12.50 20.44 -5.45
C GLN A 355 11.84 20.91 -4.16
N GLY A 356 10.79 21.72 -4.30
CA GLY A 356 10.07 22.25 -3.18
C GLY A 356 8.86 21.42 -2.79
N PRO A 357 8.05 21.94 -1.87
CA PRO A 357 6.88 21.18 -1.39
C PRO A 357 5.86 20.99 -2.49
N PRO A 358 4.92 20.04 -2.32
CA PRO A 358 3.90 19.82 -3.35
C PRO A 358 3.00 21.04 -3.51
N THR A 359 2.57 21.26 -4.75
CA THR A 359 1.74 22.40 -5.10
C THR A 359 0.51 21.95 -5.88
N THR A 360 -0.56 22.75 -5.80
CA THR A 360 -1.74 22.51 -6.63
C THR A 360 -1.55 23.04 -8.04
N ASP A 361 -0.60 23.96 -8.23
CA ASP A 361 -0.18 24.41 -9.55
C ASP A 361 1.34 24.36 -9.60
N GLY A 362 1.97 25.53 -9.67
CA GLY A 362 3.41 25.59 -9.52
C GLY A 362 3.83 26.43 -8.33
N HIS A 363 2.87 26.85 -7.51
CA HIS A 363 3.17 27.79 -6.43
C HIS A 363 2.37 27.51 -5.16
N ASN A 364 1.05 27.38 -5.29
CA ASN A 364 0.19 27.21 -4.13
C ASN A 364 0.43 25.86 -3.48
N ILE A 365 0.94 25.85 -2.25
CA ILE A 365 1.23 24.62 -1.54
C ILE A 365 -0.05 23.82 -1.35
N ALA A 366 0.02 22.51 -1.62
CA ALA A 366 -1.13 21.63 -1.50
C ALA A 366 -1.21 21.08 -0.09
N SER A 367 -2.41 21.09 0.48
CA SER A 367 -2.60 20.60 1.84
C SER A 367 -2.46 19.08 1.87
N PRO A 368 -1.89 18.52 2.93
CA PRO A 368 -1.79 17.06 3.04
C PRO A 368 -3.18 16.43 3.21
N ILE A 369 -3.30 15.20 2.70
CA ILE A 369 -4.54 14.46 2.79
C ILE A 369 -4.28 13.17 3.56
N PHE A 370 -5.34 12.61 4.14
CA PHE A 370 -5.21 11.52 5.09
C PHE A 370 -6.12 10.36 4.68
N ASN A 371 -5.61 9.15 4.87
CA ASN A 371 -6.35 7.94 4.58
C ASN A 371 -6.92 7.32 5.85
N SER A 372 -7.56 6.17 5.67
CA SER A 372 -8.10 5.45 6.81
C SER A 372 -7.01 4.99 7.74
N ASP A 373 -5.75 4.95 7.28
CA ASP A 373 -4.64 4.61 8.16
C ASP A 373 -4.51 5.61 9.30
N ASN A 374 -4.88 6.87 9.05
CA ASN A 374 -4.37 8.05 9.75
C ASN A 374 -2.96 8.37 9.25
N SER A 375 -2.62 7.87 8.06
CA SER A 375 -1.37 8.16 7.37
C SER A 375 -1.61 9.26 6.33
N CYS A 376 -0.51 9.80 5.83
CA CYS A 376 -0.52 10.92 4.89
C CYS A 376 -0.46 10.47 3.44
N SER A 377 -0.89 11.37 2.56
CA SER A 377 -0.76 11.20 1.12
C SER A 377 -0.72 12.59 0.48
N GLY A 378 -0.62 12.60 -0.84
CA GLY A 378 -0.62 13.87 -1.57
C GLY A 378 0.71 14.57 -1.63
N GLY A 379 1.81 13.83 -1.58
CA GLY A 379 3.14 14.41 -1.66
C GLY A 379 3.84 14.58 -0.34
N TRP A 380 3.23 14.19 0.77
CA TRP A 380 3.81 14.31 2.09
C TRP A 380 4.01 12.92 2.69
N VAL A 381 5.08 12.79 3.47
CA VAL A 381 5.41 11.50 4.09
C VAL A 381 4.78 11.38 5.48
N CYS A 382 4.87 12.44 6.28
CA CYS A 382 4.28 12.50 7.62
C CYS A 382 4.81 11.35 8.49
N GLU A 383 6.10 11.45 8.81
CA GLU A 383 6.73 10.45 9.67
C GLU A 383 6.12 10.45 11.07
N HIS A 384 5.64 11.60 11.53
CA HIS A 384 5.02 11.69 12.86
C HIS A 384 3.71 10.92 12.95
N ARG A 385 3.14 10.51 11.83
CA ARG A 385 1.92 9.70 11.83
C ARG A 385 2.19 8.23 11.62
N TRP A 386 3.46 7.82 11.57
CA TRP A 386 3.80 6.41 11.49
C TRP A 386 3.58 5.76 12.86
N ARG A 387 2.93 4.60 12.86
CA ARG A 387 2.62 3.92 14.11
C ARG A 387 3.87 3.67 14.94
N GLN A 388 4.96 3.30 14.29
CA GLN A 388 6.20 3.01 15.00
C GLN A 388 6.82 4.25 15.64
N ILE A 389 6.40 5.45 15.23
CA ILE A 389 6.98 6.69 15.72
C ILE A 389 6.14 7.32 16.82
N TYR A 390 4.84 7.54 16.57
CA TYR A 390 4.03 8.22 17.56
C TYR A 390 3.71 7.34 18.76
N ASN A 391 3.75 6.02 18.60
CA ASN A 391 3.60 5.13 19.73
C ASN A 391 4.84 5.06 20.61
N MET A 392 6.01 5.39 20.05
CA MET A 392 7.21 5.52 20.88
C MET A 392 7.24 6.83 21.62
N VAL A 393 6.55 7.86 21.11
CA VAL A 393 6.37 9.09 21.86
C VAL A 393 5.54 8.81 23.11
N ALA A 394 4.51 7.97 22.98
CA ALA A 394 3.77 7.53 24.16
C ALA A 394 4.65 6.70 25.08
N PHE A 395 5.60 5.94 24.52
CA PHE A 395 6.57 5.23 25.34
C PHE A 395 7.40 6.21 26.17
N ARG A 396 7.86 7.30 25.55
CA ARG A 396 8.65 8.29 26.27
C ARG A 396 7.81 8.97 27.35
N ASN A 397 6.54 9.25 27.07
CA ASN A 397 5.68 9.90 28.05
C ASN A 397 5.33 8.99 29.21
N ALA A 398 5.40 7.67 29.01
CA ALA A 398 5.04 6.72 30.06
C ALA A 398 6.19 6.41 31.01
N VAL A 399 7.44 6.54 30.55
CA VAL A 399 8.57 6.19 31.40
C VAL A 399 9.08 7.37 32.22
N GLY A 400 8.80 8.61 31.81
CA GLY A 400 9.20 9.76 32.60
C GLY A 400 10.71 9.85 32.71
N SER A 401 11.18 10.10 33.93
CA SER A 401 12.60 10.23 34.21
C SER A 401 13.22 8.93 34.71
N ASP A 402 12.56 7.79 34.48
CA ASP A 402 13.08 6.52 34.95
C ASP A 402 14.39 6.18 34.24
N GLU A 403 15.34 5.63 35.00
CA GLU A 403 16.68 5.40 34.50
C GLU A 403 16.77 4.09 33.72
N ILE A 404 17.86 3.95 32.97
CA ILE A 404 18.10 2.74 32.19
C ILE A 404 18.52 1.61 33.14
N GLN A 405 17.87 0.46 32.99
CA GLN A 405 18.24 -0.74 33.74
C GLN A 405 18.11 -1.96 32.83
N ASN A 406 18.66 -3.08 33.30
CA ASN A 406 18.49 -4.38 32.66
C ASN A 406 19.03 -4.39 31.23
N TRP A 407 20.23 -3.82 31.06
CA TRP A 407 20.85 -3.83 29.74
C TRP A 407 21.33 -5.23 29.38
N TRP A 408 21.02 -5.67 28.16
CA TRP A 408 21.47 -6.94 27.64
C TRP A 408 21.89 -6.76 26.18
N ASP A 409 22.92 -7.51 25.78
CA ASP A 409 23.34 -7.54 24.39
C ASP A 409 24.04 -8.86 24.11
N ASN A 410 24.10 -9.23 22.84
CA ASN A 410 24.72 -10.47 22.40
C ASN A 410 26.12 -10.25 21.85
N GLY A 411 26.69 -9.08 22.04
CA GLY A 411 28.01 -8.78 21.53
C GLY A 411 28.05 -8.27 20.10
N SER A 412 26.90 -8.20 19.42
CA SER A 412 26.87 -7.74 18.05
C SER A 412 25.77 -6.69 17.84
N ASN A 413 24.63 -7.10 17.28
CA ASN A 413 23.58 -6.17 16.91
C ASN A 413 22.23 -6.59 17.48
N GLN A 414 22.22 -7.20 18.65
CA GLN A 414 20.99 -7.54 19.36
C GLN A 414 21.11 -6.98 20.77
N ILE A 415 20.30 -5.96 21.08
CA ILE A 415 20.35 -5.29 22.37
C ILE A 415 18.94 -5.18 22.95
N SER A 416 18.88 -4.98 24.26
CA SER A 416 17.62 -4.71 24.94
C SER A 416 17.93 -4.03 26.27
N PHE A 417 17.02 -3.15 26.68
CA PHE A 417 17.14 -2.48 27.97
C PHE A 417 15.75 -2.03 28.40
N SER A 418 15.67 -1.56 29.64
CA SER A 418 14.41 -1.09 30.21
C SER A 418 14.59 0.31 30.78
N ARG A 419 13.49 1.05 30.82
CA ARG A 419 13.45 2.36 31.47
C ARG A 419 12.83 2.18 32.85
N GLY A 420 13.68 2.03 33.86
CA GLY A 420 13.18 1.76 35.20
C GLY A 420 12.38 0.46 35.22
N SER A 421 11.18 0.54 35.78
CA SER A 421 10.22 -0.56 35.78
C SER A 421 8.95 -0.17 35.03
N ARG A 422 9.08 0.70 34.02
CA ARG A 422 7.93 1.25 33.32
C ARG A 422 7.90 0.97 31.83
N GLY A 423 9.03 0.63 31.21
CA GLY A 423 9.05 0.34 29.79
C GLY A 423 10.23 -0.53 29.42
N PHE A 424 10.07 -1.29 28.34
CA PHE A 424 11.11 -2.19 27.85
C PHE A 424 11.14 -2.13 26.34
N VAL A 425 12.34 -2.27 25.77
CA VAL A 425 12.54 -2.21 24.33
C VAL A 425 13.61 -3.22 23.95
N ALA A 426 13.54 -3.70 22.70
CA ALA A 426 14.50 -4.66 22.18
C ALA A 426 14.71 -4.40 20.70
N PHE A 427 15.94 -4.65 20.24
CA PHE A 427 16.32 -4.40 18.87
C PHE A 427 17.05 -5.62 18.31
N ASN A 428 16.87 -5.84 17.00
CA ASN A 428 17.58 -6.90 16.29
C ASN A 428 18.05 -6.35 14.95
N ASN A 429 19.33 -6.02 14.86
CA ASN A 429 19.94 -5.57 13.61
C ASN A 429 20.92 -6.59 13.05
N ASP A 430 20.92 -7.81 13.56
CA ASP A 430 21.78 -8.87 13.06
C ASP A 430 21.12 -9.57 11.88
N ASN A 431 21.93 -10.36 11.16
CA ASN A 431 21.45 -11.13 10.02
C ASN A 431 20.76 -12.43 10.44
N TYR A 432 20.52 -12.63 11.74
CA TYR A 432 19.82 -13.81 12.23
C TYR A 432 18.79 -13.38 13.27
N ASP A 433 17.86 -14.28 13.54
CA ASP A 433 16.70 -13.95 14.36
C ASP A 433 17.09 -13.76 15.83
N LEU A 434 16.14 -13.22 16.58
CA LEU A 434 16.27 -13.00 18.03
C LEU A 434 15.19 -13.84 18.72
N ASN A 435 15.61 -14.87 19.47
CA ASN A 435 14.67 -15.76 20.16
C ASN A 435 15.24 -16.06 21.55
N SER A 436 15.01 -15.14 22.48
CA SER A 436 15.60 -15.23 23.81
C SER A 436 14.58 -14.81 24.86
N SER A 437 14.73 -15.36 26.06
CA SER A 437 13.95 -14.95 27.22
C SER A 437 14.74 -13.85 27.92
N LEU A 438 14.31 -12.60 27.74
CA LEU A 438 15.01 -11.45 28.28
C LEU A 438 14.30 -10.90 29.51
N GLN A 439 15.08 -10.33 30.42
CA GLN A 439 14.52 -9.67 31.59
C GLN A 439 13.92 -8.34 31.17
N THR A 440 12.63 -8.16 31.45
CA THR A 440 11.89 -7.00 30.96
C THR A 440 11.72 -5.90 32.00
N GLY A 441 11.76 -6.22 33.29
CA GLY A 441 11.70 -5.23 34.34
C GLY A 441 10.32 -4.71 34.67
N LEU A 442 9.29 -5.14 33.96
CA LEU A 442 7.92 -4.68 34.15
C LEU A 442 7.15 -5.64 35.05
N PRO A 443 6.05 -5.18 35.65
CA PRO A 443 5.18 -6.11 36.38
C PRO A 443 4.66 -7.21 35.46
N ALA A 444 4.35 -8.36 36.06
CA ALA A 444 3.85 -9.49 35.30
C ALA A 444 2.51 -9.16 34.65
N GLY A 445 2.31 -9.65 33.44
CA GLY A 445 1.06 -9.44 32.74
C GLY A 445 1.25 -9.59 31.24
N THR A 446 0.25 -9.11 30.50
CA THR A 446 0.23 -9.18 29.05
C THR A 446 0.32 -7.78 28.48
N TYR A 447 1.28 -7.58 27.57
CA TYR A 447 1.54 -6.27 26.99
C TYR A 447 1.37 -6.33 25.48
N CYS A 448 0.94 -5.21 24.90
CA CYS A 448 0.82 -5.08 23.46
C CYS A 448 2.12 -4.55 22.88
N ASP A 449 2.60 -5.18 21.81
CA ASP A 449 3.77 -4.67 21.11
C ASP A 449 3.41 -3.33 20.47
N VAL A 450 3.96 -2.25 21.03
CA VAL A 450 3.63 -0.91 20.59
C VAL A 450 4.27 -0.54 19.26
N ILE A 451 5.21 -1.36 18.78
CA ILE A 451 5.77 -1.14 17.45
C ILE A 451 4.88 -1.75 16.38
N SER A 452 4.33 -2.94 16.63
CA SER A 452 3.53 -3.65 15.64
C SER A 452 2.04 -3.36 15.76
N GLY A 453 1.61 -2.66 16.80
CA GLY A 453 0.20 -2.35 16.95
C GLY A 453 -0.09 -1.41 18.11
N SER A 454 -1.30 -1.49 18.65
CA SER A 454 -1.70 -0.64 19.75
C SER A 454 -2.74 -1.39 20.58
N LYS A 455 -3.12 -0.79 21.71
CA LYS A 455 -4.16 -1.35 22.56
C LYS A 455 -5.52 -0.82 22.11
N SER A 456 -6.49 -1.73 22.00
CA SER A 456 -7.87 -1.38 21.68
C SER A 456 -8.78 -2.18 22.60
N GLY A 457 -9.37 -1.52 23.59
CA GLY A 457 -10.16 -2.21 24.59
C GLY A 457 -9.34 -3.15 25.45
N SER A 458 -9.51 -4.46 25.25
CA SER A 458 -8.77 -5.48 25.98
C SER A 458 -7.94 -6.36 25.05
N SER A 459 -7.67 -5.91 23.84
CA SER A 459 -6.93 -6.69 22.86
C SER A 459 -5.78 -5.86 22.31
N CYS A 460 -4.90 -6.53 21.56
CA CYS A 460 -3.76 -5.90 20.92
C CYS A 460 -3.92 -5.96 19.42
N THR A 461 -3.51 -4.88 18.74
CA THR A 461 -3.60 -4.84 17.28
C THR A 461 -2.49 -5.66 16.63
N GLY A 462 -1.31 -5.70 17.23
CA GLY A 462 -0.20 -6.44 16.68
C GLY A 462 0.21 -7.61 17.56
N LYS A 463 1.51 -7.71 17.84
CA LYS A 463 2.01 -8.82 18.65
C LYS A 463 1.67 -8.62 20.12
N THR A 464 1.58 -9.74 20.84
CA THR A 464 1.35 -9.75 22.27
C THR A 464 2.62 -10.20 22.99
N VAL A 465 2.89 -9.58 24.15
CA VAL A 465 4.07 -9.91 24.96
C VAL A 465 3.59 -10.29 26.35
N THR A 466 3.94 -11.48 26.80
CA THR A 466 3.56 -11.99 28.11
C THR A 466 4.76 -11.91 29.05
N VAL A 467 4.60 -11.22 30.16
CA VAL A 467 5.67 -11.03 31.14
C VAL A 467 5.37 -11.94 32.34
N GLY A 468 6.32 -12.83 32.65
CA GLY A 468 6.16 -13.76 33.75
C GLY A 468 6.37 -13.12 35.11
N SER A 469 6.16 -13.93 36.15
CA SER A 469 6.30 -13.45 37.52
C SER A 469 7.73 -13.07 37.88
N ASP A 470 8.72 -13.56 37.12
CA ASP A 470 10.12 -13.23 37.36
C ASP A 470 10.58 -12.03 36.54
N GLY A 471 9.68 -11.38 35.81
CA GLY A 471 10.03 -10.26 34.97
C GLY A 471 10.57 -10.64 33.60
N ARG A 472 10.69 -11.92 33.30
CA ARG A 472 11.22 -12.36 32.02
C ARG A 472 10.10 -12.58 31.01
N ALA A 473 10.39 -12.32 29.74
CA ALA A 473 9.42 -12.44 28.67
C ALA A 473 10.10 -12.95 27.41
N SER A 474 9.33 -13.65 26.60
CA SER A 474 9.83 -14.20 25.34
C SER A 474 9.76 -13.11 24.27
N ILE A 475 10.92 -12.68 23.78
CA ILE A 475 11.02 -11.62 22.78
C ILE A 475 11.51 -12.25 21.47
N ASN A 476 10.75 -12.04 20.40
CA ASN A 476 11.07 -12.61 19.10
C ASN A 476 11.00 -11.52 18.04
N ILE A 477 12.13 -11.27 17.38
CA ILE A 477 12.22 -10.32 16.27
C ILE A 477 13.01 -11.01 15.16
N GLY A 478 12.33 -11.45 14.11
CA GLY A 478 13.01 -12.05 12.99
C GLY A 478 13.84 -11.02 12.23
N SER A 479 14.99 -11.46 11.73
CA SER A 479 15.90 -10.58 11.01
C SER A 479 15.35 -10.17 9.65
N SER A 480 14.28 -10.80 9.19
CA SER A 480 13.67 -10.44 7.91
C SER A 480 12.28 -9.86 8.07
N GLU A 481 11.82 -9.65 9.30
CA GLU A 481 10.55 -8.97 9.53
C GLU A 481 10.62 -7.53 9.06
N ASP A 482 9.44 -6.94 8.83
CA ASP A 482 9.38 -5.55 8.37
C ASP A 482 9.92 -4.59 9.43
N ASP A 483 9.75 -4.92 10.71
CA ASP A 483 10.25 -4.10 11.80
C ASP A 483 11.34 -4.87 12.56
N GLY A 484 12.32 -4.12 13.04
CA GLY A 484 13.41 -4.72 13.80
C GLY A 484 13.48 -4.22 15.23
N VAL A 485 12.34 -3.91 15.82
CA VAL A 485 12.30 -3.37 17.18
C VAL A 485 10.97 -3.77 17.81
N LEU A 486 11.02 -4.09 19.10
CA LEU A 486 9.84 -4.39 19.90
C LEU A 486 9.83 -3.47 21.12
N ALA A 487 8.64 -3.06 21.55
CA ALA A 487 8.53 -2.11 22.64
C ALA A 487 7.21 -2.33 23.38
N ILE A 488 7.29 -2.27 24.71
CA ILE A 488 6.13 -2.40 25.59
C ILE A 488 6.31 -1.46 26.76
N HIS A 489 5.20 -1.03 27.34
CA HIS A 489 5.24 -0.13 28.50
C HIS A 489 3.96 -0.30 29.31
N VAL A 490 3.99 0.23 30.54
CA VAL A 490 2.92 0.00 31.49
C VAL A 490 1.64 0.74 31.12
N ASN A 491 1.72 1.76 30.26
CA ASN A 491 0.54 2.49 29.82
C ASN A 491 -0.12 1.83 28.61
N ALA A 492 0.14 0.55 28.37
CA ALA A 492 -0.48 -0.19 27.28
C ALA A 492 -0.59 -1.66 27.67
N LYS A 493 -1.06 -1.91 28.89
CA LYS A 493 -1.22 -3.27 29.39
C LYS A 493 -2.61 -3.81 29.10
N LEU A 494 -2.71 -5.13 29.03
CA LEU A 494 -3.97 -5.84 28.81
C LEU A 494 -4.51 -5.58 27.40
N GLN B 19 -7.19 -27.03 -0.47
CA GLN B 19 -8.55 -26.97 -0.97
C GLN B 19 -9.04 -25.52 -1.07
N PHE B 20 -8.38 -24.63 -0.33
CA PHE B 20 -8.68 -23.21 -0.39
C PHE B 20 -7.60 -22.38 -1.06
N ASP B 21 -6.39 -22.92 -1.20
CA ASP B 21 -5.29 -22.22 -1.83
C ASP B 21 -5.27 -22.52 -3.33
N THR B 22 -5.13 -21.46 -4.13
CA THR B 22 -5.16 -21.61 -5.58
C THR B 22 -3.94 -22.34 -6.12
N ASN B 23 -2.83 -22.37 -5.37
CA ASN B 23 -1.55 -22.89 -5.81
C ASN B 23 -0.97 -22.09 -6.97
N TYR B 24 -1.39 -20.84 -7.10
CA TYR B 24 -0.85 -19.95 -8.12
C TYR B 24 0.67 -19.82 -7.99
N ALA B 25 1.32 -19.59 -9.13
CA ALA B 25 2.73 -19.25 -9.12
C ALA B 25 2.93 -17.82 -8.61
N SER B 26 4.18 -17.48 -8.31
CA SER B 26 4.49 -16.20 -7.69
C SER B 26 4.20 -15.04 -8.62
N GLY B 27 3.56 -14.00 -8.09
CA GLY B 27 3.37 -12.76 -8.81
C GLY B 27 2.42 -12.81 -9.98
N ARG B 28 1.49 -13.77 -10.00
CA ARG B 28 0.56 -13.92 -11.11
C ARG B 28 -0.87 -13.87 -10.61
N SER B 29 -1.78 -13.54 -11.52
CA SER B 29 -3.21 -13.47 -11.22
C SER B 29 -4.00 -13.74 -12.49
N GLY B 30 -5.22 -14.22 -12.32
CA GLY B 30 -6.10 -14.43 -13.45
C GLY B 30 -6.17 -15.87 -13.93
N MET B 31 -7.35 -16.47 -13.83
CA MET B 31 -7.61 -17.81 -14.36
C MET B 31 -8.45 -17.67 -15.63
N VAL B 32 -7.95 -18.24 -16.73
CA VAL B 32 -8.62 -18.15 -18.02
C VAL B 32 -9.32 -19.48 -18.30
N HIS B 33 -10.62 -19.43 -18.56
CA HIS B 33 -11.39 -20.61 -18.94
C HIS B 33 -11.37 -20.71 -20.47
N LEU B 34 -10.47 -21.54 -21.00
CA LEU B 34 -10.35 -21.72 -22.45
C LEU B 34 -11.41 -22.72 -22.89
N PHE B 35 -12.65 -22.24 -22.96
CA PHE B 35 -13.82 -23.04 -23.28
C PHE B 35 -13.68 -23.77 -24.61
N GLU B 36 -13.61 -25.10 -24.55
CA GLU B 36 -13.60 -26.00 -25.72
C GLU B 36 -12.31 -25.91 -26.52
N TRP B 37 -11.23 -25.42 -25.93
CA TRP B 37 -9.93 -25.43 -26.59
C TRP B 37 -9.33 -26.83 -26.57
N LYS B 38 -8.46 -27.09 -27.55
CA LYS B 38 -7.71 -28.33 -27.59
C LYS B 38 -6.43 -28.21 -26.77
N TRP B 39 -5.94 -29.35 -26.29
CA TRP B 39 -4.77 -29.33 -25.41
C TRP B 39 -3.55 -28.78 -26.12
N ASP B 40 -3.36 -29.13 -27.39
CA ASP B 40 -2.24 -28.62 -28.15
C ASP B 40 -2.31 -27.09 -28.27
N ASP B 41 -3.51 -26.56 -28.49
CA ASP B 41 -3.66 -25.12 -28.61
C ASP B 41 -3.50 -24.42 -27.27
N ILE B 42 -3.85 -25.09 -26.18
CA ILE B 42 -3.67 -24.49 -24.85
C ILE B 42 -2.19 -24.44 -24.48
N ALA B 43 -1.46 -25.51 -24.79
CA ALA B 43 -0.03 -25.53 -24.47
C ALA B 43 0.73 -24.44 -25.22
N ALA B 44 0.36 -24.21 -26.49
CA ALA B 44 1.01 -23.16 -27.26
C ALA B 44 0.65 -21.77 -26.73
N GLU B 45 -0.60 -21.59 -26.31
CA GLU B 45 -1.02 -20.29 -25.79
C GLU B 45 -0.38 -20.01 -24.43
N CYS B 46 -0.05 -21.06 -23.67
CA CYS B 46 0.66 -20.86 -22.40
C CYS B 46 2.03 -20.24 -22.63
N GLU B 47 2.76 -20.74 -23.63
CA GLU B 47 4.13 -20.27 -23.87
C GLU B 47 4.16 -18.96 -24.63
N ASN B 48 3.16 -18.70 -25.49
CA ASN B 48 3.18 -17.54 -26.36
C ASN B 48 2.51 -16.32 -25.78
N PHE B 49 1.49 -16.49 -24.93
CA PHE B 49 0.73 -15.34 -24.45
C PHE B 49 0.51 -15.38 -22.94
N LEU B 50 -0.05 -16.47 -22.43
CA LEU B 50 -0.45 -16.53 -21.03
C LEU B 50 0.76 -16.38 -20.11
N GLY B 51 1.85 -17.07 -20.41
CA GLY B 51 3.07 -16.97 -19.65
C GLY B 51 3.66 -15.57 -19.58
N PRO B 52 4.04 -15.00 -20.73
CA PRO B 52 4.70 -13.70 -20.72
C PRO B 52 3.78 -12.51 -20.43
N ASN B 53 2.51 -12.76 -20.10
CA ASN B 53 1.58 -11.67 -19.79
C ASN B 53 1.07 -11.72 -18.35
N GLY B 54 1.57 -12.65 -17.53
CA GLY B 54 1.27 -12.63 -16.11
C GLY B 54 0.02 -13.39 -15.69
N TYR B 55 -0.58 -14.18 -16.57
CA TYR B 55 -1.75 -14.95 -16.18
C TYR B 55 -1.35 -16.07 -15.21
N ALA B 56 -2.30 -16.48 -14.38
CA ALA B 56 -2.00 -17.42 -13.29
C ALA B 56 -2.43 -18.85 -13.58
N GLY B 57 -3.54 -19.06 -14.31
CA GLY B 57 -4.01 -20.41 -14.50
C GLY B 57 -4.98 -20.51 -15.65
N VAL B 58 -5.27 -21.75 -16.04
CA VAL B 58 -6.18 -22.06 -17.14
C VAL B 58 -7.18 -23.10 -16.65
N GLN B 59 -8.47 -22.84 -16.90
CA GLN B 59 -9.52 -23.82 -16.63
C GLN B 59 -9.89 -24.51 -17.94
N VAL B 60 -9.80 -25.83 -17.95
CA VAL B 60 -10.03 -26.60 -19.17
C VAL B 60 -11.40 -27.23 -19.12
N SER B 61 -11.90 -27.61 -20.30
CA SER B 61 -13.13 -28.37 -20.39
C SER B 61 -12.92 -29.78 -19.82
N PRO B 62 -14.01 -30.50 -19.53
CA PRO B 62 -13.87 -31.87 -19.04
C PRO B 62 -12.95 -32.71 -19.92
N VAL B 63 -11.99 -33.38 -19.27
CA VAL B 63 -10.97 -34.13 -20.00
C VAL B 63 -11.34 -35.60 -20.18
N ASN B 64 -12.46 -36.04 -19.62
CA ASN B 64 -12.85 -37.45 -19.69
C ASN B 64 -13.82 -37.67 -20.85
N GLU B 65 -13.91 -38.93 -21.27
CA GLU B 65 -14.73 -39.28 -22.43
C GLU B 65 -16.19 -38.93 -22.19
N ASN B 66 -16.81 -38.29 -23.18
CA ASN B 66 -18.20 -37.87 -23.10
C ASN B 66 -18.99 -38.50 -24.25
N ALA B 67 -20.31 -38.37 -24.16
CA ALA B 67 -21.20 -38.93 -25.17
C ALA B 67 -21.21 -38.05 -26.42
N VAL B 68 -21.24 -38.70 -27.58
CA VAL B 68 -21.36 -37.99 -28.85
C VAL B 68 -22.82 -37.71 -29.12
N LYS B 69 -23.13 -36.44 -29.41
CA LYS B 69 -24.49 -36.01 -29.65
C LYS B 69 -24.62 -35.36 -31.02
N ASP B 70 -25.83 -35.36 -31.55
CA ASP B 70 -26.09 -34.81 -32.88
C ASP B 70 -25.74 -33.33 -32.92
N SER B 71 -25.11 -32.92 -34.02
CA SER B 71 -24.63 -31.56 -34.29
C SER B 71 -23.48 -31.16 -33.36
N ARG B 72 -22.98 -32.06 -32.51
CA ARG B 72 -21.89 -31.83 -31.58
C ARG B 72 -22.11 -30.56 -30.76
N PRO B 73 -23.11 -30.52 -29.88
CA PRO B 73 -23.31 -29.34 -29.04
C PRO B 73 -22.27 -29.26 -27.95
N TRP B 74 -22.10 -28.04 -27.40
CA TRP B 74 -21.14 -27.84 -26.33
C TRP B 74 -21.51 -28.61 -25.07
N TRP B 75 -22.80 -28.77 -24.80
CA TRP B 75 -23.25 -29.43 -23.58
C TRP B 75 -23.14 -30.95 -23.65
N GLU B 76 -22.63 -31.50 -24.75
CA GLU B 76 -22.36 -32.94 -24.81
C GLU B 76 -21.20 -33.34 -23.91
N ARG B 77 -20.32 -32.40 -23.56
CA ARG B 77 -19.15 -32.70 -22.74
C ARG B 77 -19.48 -32.84 -21.26
N TYR B 78 -20.75 -32.70 -20.88
CA TYR B 78 -21.19 -32.92 -19.51
C TYR B 78 -22.05 -34.17 -19.37
N GLN B 79 -21.91 -35.11 -20.32
CA GLN B 79 -22.57 -36.41 -20.27
C GLN B 79 -21.46 -37.46 -20.32
N PRO B 80 -20.86 -37.79 -19.17
CA PRO B 80 -19.67 -38.65 -19.18
C PRO B 80 -20.01 -40.07 -19.60
N ILE B 81 -19.12 -40.64 -20.42
CA ILE B 81 -19.19 -42.04 -20.80
C ILE B 81 -18.24 -42.89 -19.97
N SER B 82 -17.03 -42.39 -19.74
CA SER B 82 -16.03 -43.08 -18.92
C SER B 82 -15.07 -42.03 -18.39
N TYR B 83 -14.06 -42.49 -17.66
CA TYR B 83 -13.01 -41.62 -17.14
C TYR B 83 -11.74 -41.70 -17.97
N LYS B 84 -11.82 -42.23 -19.18
CA LYS B 84 -10.69 -42.22 -20.10
C LYS B 84 -10.47 -40.82 -20.66
N LEU B 85 -9.21 -40.41 -20.75
CA LEU B 85 -8.86 -39.08 -21.25
C LEU B 85 -8.88 -39.11 -22.78
N GLU B 86 -10.09 -39.04 -23.33
CA GLU B 86 -10.28 -39.13 -24.78
C GLU B 86 -11.45 -38.23 -25.15
N THR B 87 -11.14 -37.00 -25.56
CA THR B 87 -12.15 -36.02 -25.97
C THR B 87 -11.76 -35.42 -27.31
N ARG B 88 -12.60 -34.51 -27.80
CA ARG B 88 -12.26 -33.75 -29.00
C ARG B 88 -11.07 -32.84 -28.78
N SER B 89 -10.74 -32.52 -27.52
CA SER B 89 -9.59 -31.67 -27.22
C SER B 89 -8.26 -32.42 -27.31
N GLY B 90 -8.29 -33.75 -27.26
CA GLY B 90 -7.09 -34.55 -27.37
C GLY B 90 -7.18 -35.77 -26.48
N ASN B 91 -6.04 -36.43 -26.31
CA ASN B 91 -5.92 -37.64 -25.51
C ASN B 91 -5.06 -37.37 -24.27
N GLU B 92 -4.85 -38.43 -23.48
CA GLU B 92 -4.06 -38.31 -22.27
C GLU B 92 -2.63 -37.86 -22.57
N GLU B 93 -2.06 -38.35 -23.66
CA GLU B 93 -0.69 -38.00 -24.01
C GLU B 93 -0.56 -36.51 -24.33
N GLN B 94 -1.56 -35.93 -24.99
CA GLN B 94 -1.54 -34.50 -25.28
C GLN B 94 -1.91 -33.68 -24.05
N PHE B 95 -2.83 -34.19 -23.23
CA PHE B 95 -3.22 -33.48 -22.01
C PHE B 95 -2.05 -33.40 -21.03
N ALA B 96 -1.31 -34.50 -20.88
CA ALA B 96 -0.17 -34.50 -19.97
C ALA B 96 0.93 -33.56 -20.48
N SER B 97 1.18 -33.56 -21.79
CA SER B 97 2.18 -32.65 -22.34
C SER B 97 1.74 -31.20 -22.21
N MET B 98 0.43 -30.93 -22.24
CA MET B 98 -0.04 -29.56 -22.08
C MET B 98 0.14 -29.07 -20.65
N VAL B 99 -0.16 -29.93 -19.67
CA VAL B 99 -0.01 -29.55 -18.26
C VAL B 99 1.45 -29.28 -17.94
N LYS B 100 2.36 -30.13 -18.44
CA LYS B 100 3.78 -29.94 -18.18
C LYS B 100 4.30 -28.65 -18.82
N ARG B 101 3.84 -28.37 -20.05
CA ARG B 101 4.32 -27.17 -20.74
C ARG B 101 3.75 -25.90 -20.13
N CYS B 102 2.51 -25.95 -19.63
CA CYS B 102 1.94 -24.77 -18.99
C CYS B 102 2.56 -24.53 -17.62
N ASN B 103 2.85 -25.61 -16.89
CA ASN B 103 3.49 -25.46 -15.59
C ASN B 103 4.91 -24.90 -15.71
N ALA B 104 5.57 -25.14 -16.84
CA ALA B 104 6.93 -24.66 -17.03
C ALA B 104 7.00 -23.15 -17.20
N VAL B 105 5.91 -22.51 -17.65
CA VAL B 105 5.87 -21.07 -17.81
C VAL B 105 5.07 -20.40 -16.70
N GLY B 106 4.71 -21.14 -15.66
CA GLY B 106 4.05 -20.57 -14.50
C GLY B 106 2.54 -20.50 -14.57
N VAL B 107 1.91 -21.27 -15.47
CA VAL B 107 0.46 -21.28 -15.62
C VAL B 107 -0.07 -22.62 -15.11
N ARG B 108 -0.96 -22.56 -14.12
CA ARG B 108 -1.52 -23.77 -13.53
C ARG B 108 -2.72 -24.25 -14.33
N THR B 109 -3.10 -25.50 -14.08
CA THR B 109 -4.21 -26.15 -14.78
C THR B 109 -5.26 -26.54 -13.76
N TYR B 110 -6.53 -26.24 -14.08
CA TYR B 110 -7.66 -26.61 -13.25
C TYR B 110 -8.70 -27.29 -14.14
N VAL B 111 -9.14 -28.48 -13.73
CA VAL B 111 -9.93 -29.35 -14.59
C VAL B 111 -11.40 -29.27 -14.18
N ASP B 112 -12.27 -29.14 -15.17
CA ASP B 112 -13.71 -29.23 -14.97
C ASP B 112 -14.09 -30.71 -14.89
N VAL B 113 -14.50 -31.16 -13.71
CA VAL B 113 -14.77 -32.57 -13.46
C VAL B 113 -16.27 -32.76 -13.25
N VAL B 114 -16.82 -33.79 -13.87
CA VAL B 114 -18.25 -34.08 -13.85
C VAL B 114 -18.41 -35.49 -13.30
N PHE B 115 -18.80 -35.60 -12.03
CA PHE B 115 -19.06 -36.91 -11.42
C PHE B 115 -20.37 -36.92 -10.65
N ASN B 116 -21.25 -35.96 -10.89
CA ASN B 116 -22.60 -36.02 -10.33
C ASN B 116 -23.49 -36.98 -11.10
N HIS B 117 -23.17 -37.26 -12.36
CA HIS B 117 -24.04 -38.04 -13.23
C HIS B 117 -23.22 -38.66 -14.35
N MET B 118 -23.86 -39.54 -15.09
CA MET B 118 -23.35 -40.09 -16.33
C MET B 118 -24.27 -39.67 -17.48
N ALA B 119 -23.97 -40.15 -18.68
CA ALA B 119 -24.71 -39.71 -19.85
C ALA B 119 -26.16 -40.15 -19.78
N ALA B 120 -27.03 -39.36 -20.41
CA ALA B 120 -28.46 -39.63 -20.43
C ALA B 120 -28.81 -40.53 -21.61
N ASP B 121 -30.11 -40.81 -21.76
CA ASP B 121 -30.57 -41.67 -22.84
C ASP B 121 -30.26 -41.06 -24.19
N GLY B 122 -29.98 -41.94 -25.16
CA GLY B 122 -29.58 -41.53 -26.49
C GLY B 122 -28.08 -41.37 -26.67
N GLY B 123 -27.30 -41.48 -25.61
CA GLY B 123 -25.85 -41.39 -25.72
C GLY B 123 -25.17 -42.73 -25.53
N THR B 124 -25.15 -43.54 -26.60
CA THR B 124 -24.59 -44.87 -26.54
C THR B 124 -23.13 -44.93 -26.97
N TYR B 125 -22.64 -43.90 -27.64
CA TYR B 125 -21.27 -43.87 -28.15
C TYR B 125 -20.48 -42.78 -27.43
N GLY B 126 -19.18 -43.03 -27.28
CA GLY B 126 -18.29 -42.09 -26.60
C GLY B 126 -17.28 -41.45 -27.53
N THR B 127 -16.66 -40.36 -27.08
CA THR B 127 -15.69 -39.64 -27.89
C THR B 127 -14.38 -40.38 -28.05
N GLY B 128 -14.20 -41.54 -27.41
CA GLY B 128 -12.96 -42.27 -27.50
C GLY B 128 -13.13 -43.73 -27.81
N GLY B 129 -14.30 -44.11 -28.33
CA GLY B 129 -14.55 -45.47 -28.77
C GLY B 129 -15.40 -46.29 -27.83
N SER B 130 -15.59 -45.85 -26.59
CA SER B 130 -16.36 -46.63 -25.64
C SER B 130 -17.85 -46.57 -25.97
N THR B 131 -18.58 -47.57 -25.49
CA THR B 131 -20.03 -47.64 -25.61
C THR B 131 -20.66 -47.76 -24.24
N ALA B 132 -21.95 -47.44 -24.17
CA ALA B 132 -22.69 -47.50 -22.92
C ALA B 132 -24.17 -47.71 -23.23
N SER B 133 -24.94 -48.02 -22.19
CA SER B 133 -26.38 -48.23 -22.30
C SER B 133 -27.05 -47.56 -21.12
N PRO B 134 -27.36 -46.26 -21.23
CA PRO B 134 -27.97 -45.54 -20.10
C PRO B 134 -29.35 -46.05 -19.73
N SER B 135 -30.03 -46.77 -20.63
CA SER B 135 -31.33 -47.33 -20.29
C SER B 135 -31.23 -48.35 -19.17
N SER B 136 -30.14 -49.12 -19.14
CA SER B 136 -29.87 -50.09 -18.08
C SER B 136 -28.86 -49.57 -17.07
N LYS B 137 -28.45 -48.30 -17.18
CA LYS B 137 -27.46 -47.70 -16.29
C LYS B 137 -26.16 -48.51 -16.31
N SER B 138 -25.77 -48.96 -17.50
CA SER B 138 -24.57 -49.77 -17.68
C SER B 138 -23.54 -48.97 -18.47
N TYR B 139 -22.38 -48.76 -17.88
CA TYR B 139 -21.29 -48.01 -18.51
C TYR B 139 -20.03 -48.85 -18.34
N PRO B 140 -19.73 -49.74 -19.30
CA PRO B 140 -18.59 -50.64 -19.14
C PRO B 140 -17.23 -49.94 -19.19
N GLY B 141 -17.20 -48.65 -19.53
CA GLY B 141 -15.93 -47.95 -19.62
C GLY B 141 -15.31 -47.63 -18.28
N VAL B 142 -16.13 -47.46 -17.25
CA VAL B 142 -15.64 -47.06 -15.93
C VAL B 142 -15.08 -48.26 -15.15
N PRO B 143 -15.84 -49.35 -14.91
CA PRO B 143 -17.22 -49.69 -15.29
C PRO B 143 -18.26 -49.30 -14.22
N TYR B 144 -19.47 -48.94 -14.65
CA TYR B 144 -20.56 -48.61 -13.75
C TYR B 144 -21.76 -49.52 -14.02
N SER B 145 -22.46 -49.89 -12.96
CA SER B 145 -23.68 -50.67 -13.04
C SER B 145 -24.80 -49.91 -12.34
N SER B 146 -26.03 -50.44 -12.47
CA SER B 146 -27.19 -49.81 -11.86
C SER B 146 -27.07 -49.70 -10.34
N LEU B 147 -26.26 -50.56 -9.72
CA LEU B 147 -26.07 -50.50 -8.28
C LEU B 147 -25.39 -49.21 -7.84
N ASP B 148 -24.74 -48.49 -8.75
CA ASP B 148 -23.97 -47.30 -8.42
C ASP B 148 -24.78 -46.01 -8.58
N PHE B 149 -26.08 -46.09 -8.83
CA PHE B 149 -26.90 -44.92 -9.07
C PHE B 149 -28.04 -44.84 -8.06
N ASN B 150 -28.61 -43.64 -7.95
CA ASN B 150 -29.80 -43.43 -7.15
C ASN B 150 -31.03 -43.95 -7.89
N PRO B 151 -32.10 -44.26 -7.17
CA PRO B 151 -33.34 -44.69 -7.84
C PRO B 151 -33.83 -43.64 -8.82
N THR B 152 -34.44 -44.11 -9.91
CA THR B 152 -34.84 -43.23 -10.99
C THR B 152 -35.96 -42.29 -10.54
N CYS B 153 -35.70 -41.00 -10.63
CA CYS B 153 -36.70 -39.98 -10.34
C CYS B 153 -36.23 -38.66 -10.94
N ALA B 154 -37.17 -37.75 -11.14
CA ALA B 154 -36.89 -36.47 -11.79
C ALA B 154 -37.00 -35.34 -10.77
N ILE B 155 -36.20 -34.30 -10.99
CA ILE B 155 -36.19 -33.13 -10.12
C ILE B 155 -37.32 -32.21 -10.55
N SER B 156 -38.33 -32.05 -9.70
CA SER B 156 -39.41 -31.12 -9.98
C SER B 156 -39.53 -30.03 -8.93
N ASN B 157 -39.39 -30.37 -7.65
CA ASN B 157 -39.43 -29.38 -6.57
C ASN B 157 -38.00 -28.93 -6.31
N TYR B 158 -37.60 -27.83 -6.95
CA TYR B 158 -36.26 -27.30 -6.74
C TYR B 158 -36.10 -26.67 -5.35
N ASN B 159 -37.17 -26.61 -4.56
CA ASN B 159 -37.12 -26.17 -3.17
C ASN B 159 -37.06 -27.34 -2.20
N ASP B 160 -37.00 -28.57 -2.71
CA ASP B 160 -36.91 -29.78 -1.89
C ASP B 160 -35.45 -30.23 -1.86
N ALA B 161 -34.79 -30.01 -0.71
CA ALA B 161 -33.37 -30.32 -0.59
C ALA B 161 -33.06 -31.78 -0.84
N ASN B 162 -34.03 -32.68 -0.69
CA ASN B 162 -33.80 -34.09 -0.95
C ASN B 162 -33.96 -34.41 -2.44
N GLU B 163 -34.89 -33.74 -3.12
CA GLU B 163 -35.11 -33.99 -4.54
C GLU B 163 -34.01 -33.40 -5.40
N VAL B 164 -33.28 -32.39 -4.91
CA VAL B 164 -32.23 -31.78 -5.71
C VAL B 164 -30.98 -32.66 -5.74
N ARG B 165 -30.75 -33.45 -4.68
CA ARG B 165 -29.51 -34.21 -4.55
C ARG B 165 -29.68 -35.70 -4.85
N ASN B 166 -30.91 -36.17 -5.07
CA ASN B 166 -31.14 -37.60 -5.28
C ASN B 166 -31.90 -37.95 -6.55
N CYS B 167 -32.45 -36.97 -7.26
CA CYS B 167 -33.18 -37.24 -8.49
C CYS B 167 -32.34 -36.84 -9.69
N GLU B 168 -32.84 -37.21 -10.88
CA GLU B 168 -32.08 -37.05 -12.11
C GLU B 168 -32.27 -35.65 -12.68
N LEU B 169 -31.16 -34.99 -12.98
CA LEU B 169 -31.16 -33.67 -13.58
C LEU B 169 -31.20 -33.83 -15.10
N VAL B 170 -32.31 -33.39 -15.72
CA VAL B 170 -32.57 -33.48 -17.15
C VAL B 170 -32.15 -34.84 -17.70
N GLY B 171 -32.63 -35.90 -17.05
CA GLY B 171 -32.40 -37.26 -17.52
C GLY B 171 -31.01 -37.81 -17.26
N LEU B 172 -30.09 -37.03 -16.70
CA LEU B 172 -28.76 -37.54 -16.42
C LEU B 172 -28.81 -38.51 -15.24
N ARG B 173 -28.26 -39.71 -15.44
CA ARG B 173 -28.29 -40.76 -14.42
C ARG B 173 -27.48 -40.33 -13.21
N ASP B 174 -28.16 -40.05 -12.11
CA ASP B 174 -27.53 -39.50 -10.91
C ASP B 174 -26.77 -40.59 -10.19
N LEU B 175 -25.44 -40.46 -10.14
CA LEU B 175 -24.61 -41.39 -9.39
C LEU B 175 -24.84 -41.22 -7.89
N ASN B 176 -24.48 -42.25 -7.13
CA ASN B 176 -24.60 -42.25 -5.68
C ASN B 176 -23.19 -42.10 -5.10
N GLN B 177 -22.83 -40.87 -4.76
CA GLN B 177 -21.52 -40.61 -4.18
C GLN B 177 -21.38 -41.17 -2.76
N GLY B 178 -22.48 -41.64 -2.16
CA GLY B 178 -22.39 -42.34 -0.89
C GLY B 178 -21.94 -43.77 -1.00
N ASN B 179 -22.06 -44.36 -2.19
CA ASN B 179 -21.53 -45.69 -2.43
C ASN B 179 -20.01 -45.63 -2.42
N SER B 180 -19.38 -46.57 -1.72
CA SER B 180 -17.93 -46.57 -1.62
C SER B 180 -17.26 -46.92 -2.94
N TYR B 181 -17.92 -47.70 -3.79
CA TYR B 181 -17.36 -48.01 -5.11
C TYR B 181 -17.29 -46.76 -5.97
N VAL B 182 -18.33 -45.92 -5.92
CA VAL B 182 -18.30 -44.66 -6.66
C VAL B 182 -17.22 -43.75 -6.07
N GLN B 183 -17.09 -43.73 -4.75
CA GLN B 183 -16.00 -42.97 -4.12
C GLN B 183 -14.64 -43.45 -4.60
N ASP B 184 -14.49 -44.77 -4.79
CA ASP B 184 -13.22 -45.31 -5.24
C ASP B 184 -12.88 -44.83 -6.64
N LYS B 185 -13.86 -44.87 -7.55
CA LYS B 185 -13.59 -44.50 -8.94
C LYS B 185 -13.35 -43.00 -9.09
N VAL B 186 -14.07 -42.19 -8.33
CA VAL B 186 -13.92 -40.73 -8.43
C VAL B 186 -12.54 -40.31 -7.91
N VAL B 187 -12.18 -40.79 -6.72
CA VAL B 187 -10.87 -40.47 -6.16
C VAL B 187 -9.76 -41.00 -7.07
N GLU B 188 -9.95 -42.21 -7.61
CA GLU B 188 -8.97 -42.78 -8.53
C GLU B 188 -8.81 -41.91 -9.77
N PHE B 189 -9.91 -41.33 -10.26
CA PHE B 189 -9.84 -40.47 -11.44
C PHE B 189 -9.18 -39.14 -11.12
N LEU B 190 -9.54 -38.54 -9.98
CA LEU B 190 -8.92 -37.27 -9.60
C LEU B 190 -7.46 -37.45 -9.22
N ASP B 191 -7.11 -38.60 -8.63
CA ASP B 191 -5.71 -38.85 -8.33
C ASP B 191 -4.87 -39.00 -9.60
N HIS B 192 -5.47 -39.56 -10.65
CA HIS B 192 -4.77 -39.67 -11.93
C HIS B 192 -4.43 -38.29 -12.50
N LEU B 193 -5.36 -37.35 -12.40
CA LEU B 193 -5.11 -36.01 -12.90
C LEU B 193 -4.06 -35.28 -12.06
N ILE B 194 -4.07 -35.52 -10.74
CA ILE B 194 -3.07 -34.90 -9.87
C ILE B 194 -1.67 -35.39 -10.25
N ASP B 195 -1.54 -36.69 -10.54
CA ASP B 195 -0.25 -37.23 -10.96
C ASP B 195 0.26 -36.56 -12.24
N LEU B 196 -0.66 -36.16 -13.12
CA LEU B 196 -0.28 -35.49 -14.35
C LEU B 196 0.12 -34.02 -14.15
N GLY B 197 -0.04 -33.49 -12.93
CA GLY B 197 0.42 -32.16 -12.62
C GLY B 197 -0.64 -31.08 -12.50
N VAL B 198 -1.91 -31.44 -12.39
CA VAL B 198 -2.96 -30.42 -12.29
C VAL B 198 -2.94 -29.79 -10.90
N ALA B 199 -3.46 -28.57 -10.82
CA ALA B 199 -3.44 -27.80 -9.59
C ALA B 199 -4.76 -27.72 -8.86
N GLY B 200 -5.87 -28.03 -9.52
CA GLY B 200 -7.16 -27.93 -8.86
C GLY B 200 -8.28 -28.46 -9.73
N PHE B 201 -9.50 -28.31 -9.22
CA PHE B 201 -10.69 -28.87 -9.85
C PHE B 201 -11.87 -27.92 -9.71
N ARG B 202 -12.66 -27.82 -10.78
CA ARG B 202 -13.96 -27.17 -10.74
C ARG B 202 -15.03 -28.26 -10.72
N VAL B 203 -15.75 -28.38 -9.60
CA VAL B 203 -16.70 -29.46 -9.40
C VAL B 203 -18.03 -29.05 -10.02
N ASP B 204 -18.43 -29.75 -11.09
CA ASP B 204 -19.67 -29.45 -11.78
C ASP B 204 -20.85 -29.98 -10.99
N ALA B 205 -21.96 -29.23 -11.00
CA ALA B 205 -23.21 -29.63 -10.36
C ALA B 205 -22.98 -29.97 -8.88
N ALA B 206 -22.16 -29.16 -8.22
CA ALA B 206 -21.84 -29.43 -6.81
C ALA B 206 -23.06 -29.28 -5.91
N LYS B 207 -24.01 -28.42 -6.29
CA LYS B 207 -25.22 -28.25 -5.50
C LYS B 207 -26.09 -29.50 -5.50
N HIS B 208 -25.97 -30.35 -6.52
CA HIS B 208 -26.77 -31.56 -6.64
C HIS B 208 -26.14 -32.76 -5.93
N MET B 209 -25.16 -32.54 -5.07
CA MET B 209 -24.51 -33.62 -4.33
C MET B 209 -24.44 -33.26 -2.85
N TRP B 210 -24.27 -34.30 -2.03
CA TRP B 210 -24.27 -34.12 -0.59
C TRP B 210 -22.87 -33.71 -0.11
N PRO B 211 -22.76 -32.66 0.71
CA PRO B 211 -21.43 -32.26 1.19
C PRO B 211 -20.73 -33.32 2.02
N ALA B 212 -21.48 -34.19 2.71
CA ALA B 212 -20.86 -35.25 3.50
C ALA B 212 -20.08 -36.21 2.61
N ASP B 213 -20.63 -36.56 1.46
CA ASP B 213 -19.92 -37.43 0.53
C ASP B 213 -18.77 -36.68 -0.14
N LEU B 214 -18.97 -35.40 -0.46
CA LEU B 214 -17.91 -34.60 -1.06
C LEU B 214 -16.73 -34.44 -0.11
N ALA B 215 -17.00 -34.31 1.19
CA ALA B 215 -15.92 -34.15 2.16
C ALA B 215 -15.03 -35.38 2.19
N VAL B 216 -15.61 -36.57 2.10
CA VAL B 216 -14.82 -37.79 2.07
C VAL B 216 -13.98 -37.84 0.79
N ILE B 217 -14.55 -37.46 -0.34
CA ILE B 217 -13.82 -37.49 -1.59
C ILE B 217 -12.64 -36.52 -1.54
N TYR B 218 -12.88 -35.29 -1.08
CA TYR B 218 -11.83 -34.29 -1.06
C TYR B 218 -10.69 -34.68 -0.13
N GLY B 219 -11.03 -35.23 1.05
CA GLY B 219 -10.01 -35.59 2.02
C GLY B 219 -9.11 -36.73 1.58
N ARG B 220 -9.58 -37.58 0.66
CA ARG B 220 -8.80 -38.73 0.21
C ARG B 220 -7.82 -38.38 -0.90
N LEU B 221 -7.89 -37.18 -1.46
CA LEU B 221 -7.00 -36.80 -2.54
C LEU B 221 -5.56 -36.72 -2.05
N LYS B 222 -4.64 -37.20 -2.89
CA LYS B 222 -3.23 -37.19 -2.56
C LYS B 222 -2.66 -35.78 -2.65
N ASN B 223 -1.40 -35.64 -2.25
CA ASN B 223 -0.72 -34.36 -2.36
C ASN B 223 -0.42 -34.04 -3.82
N LEU B 224 -0.18 -32.76 -4.09
CA LEU B 224 0.13 -32.34 -5.45
C LEU B 224 1.52 -32.83 -5.86
N ASN B 225 1.67 -33.08 -7.16
CA ASN B 225 2.92 -33.61 -7.69
C ASN B 225 4.00 -32.54 -7.61
N THR B 226 4.97 -32.74 -6.72
CA THR B 226 6.04 -31.76 -6.54
C THR B 226 6.94 -31.67 -7.77
N ASP B 227 6.97 -32.69 -8.62
CA ASP B 227 7.78 -32.65 -9.82
C ASP B 227 7.38 -31.51 -10.76
N HIS B 228 6.14 -31.05 -10.68
CA HIS B 228 5.66 -29.95 -11.51
C HIS B 228 5.81 -28.59 -10.82
N GLY B 229 6.68 -28.49 -9.82
CA GLY B 229 6.94 -27.22 -9.18
C GLY B 229 5.93 -26.81 -8.12
N PHE B 230 5.32 -27.78 -7.43
CA PHE B 230 4.42 -27.49 -6.34
C PHE B 230 5.16 -27.66 -5.01
N ALA B 231 4.82 -26.80 -4.04
CA ALA B 231 5.44 -26.91 -2.73
C ALA B 231 4.98 -28.18 -2.03
N SER B 232 5.86 -28.71 -1.17
CA SER B 232 5.54 -29.92 -0.44
C SER B 232 4.37 -29.68 0.51
N GLY B 233 3.47 -30.65 0.58
CA GLY B 233 2.28 -30.51 1.39
C GLY B 233 1.16 -29.72 0.75
N SER B 234 1.16 -29.60 -0.57
CA SER B 234 0.14 -28.85 -1.28
C SER B 234 -1.05 -29.74 -1.60
N LYS B 235 -2.26 -29.21 -1.38
CA LYS B 235 -3.50 -29.90 -1.68
C LYS B 235 -4.18 -29.24 -2.87
N ALA B 236 -5.04 -30.02 -3.54
CA ALA B 236 -5.67 -29.55 -4.76
C ALA B 236 -6.70 -28.46 -4.46
N TYR B 237 -6.66 -27.40 -5.27
CA TYR B 237 -7.65 -26.32 -5.15
C TYR B 237 -9.02 -26.83 -5.55
N ILE B 238 -10.03 -26.51 -4.75
CA ILE B 238 -11.39 -27.00 -4.95
C ILE B 238 -12.33 -25.82 -5.02
N VAL B 239 -12.89 -25.55 -6.20
CA VAL B 239 -13.96 -24.59 -6.38
C VAL B 239 -15.20 -25.35 -6.82
N GLN B 240 -16.29 -25.16 -6.08
CA GLN B 240 -17.53 -25.90 -6.30
C GLN B 240 -18.56 -25.01 -6.99
N GLU B 241 -19.24 -25.57 -7.99
CA GLU B 241 -20.23 -24.83 -8.76
C GLU B 241 -21.56 -24.86 -8.04
N VAL B 242 -21.87 -23.78 -7.31
CA VAL B 242 -23.12 -23.66 -6.56
C VAL B 242 -23.76 -22.34 -6.95
N ILE B 243 -25.03 -22.40 -7.36
CA ILE B 243 -25.80 -21.22 -7.72
C ILE B 243 -26.70 -20.89 -6.53
N ASP B 244 -26.37 -19.82 -5.81
CA ASP B 244 -27.11 -19.41 -4.61
C ASP B 244 -27.39 -17.91 -4.72
N MET B 245 -28.57 -17.56 -5.22
CA MET B 245 -28.98 -16.16 -5.35
C MET B 245 -29.55 -15.58 -4.07
N GLY B 246 -29.48 -16.30 -2.95
CA GLY B 246 -29.99 -15.79 -1.70
C GLY B 246 -31.41 -16.24 -1.42
N GLY B 247 -31.68 -16.61 -0.17
CA GLY B 247 -33.02 -17.06 0.20
C GLY B 247 -33.45 -18.33 -0.49
N GLU B 248 -32.57 -19.32 -0.57
CA GLU B 248 -32.83 -20.58 -1.24
C GLU B 248 -32.89 -21.71 -0.23
N ALA B 249 -33.33 -22.88 -0.71
CA ALA B 249 -33.37 -24.06 0.14
C ALA B 249 -31.97 -24.56 0.42
N ILE B 250 -31.08 -24.49 -0.56
CA ILE B 250 -29.68 -24.88 -0.41
C ILE B 250 -28.84 -23.62 -0.32
N SER B 251 -28.02 -23.53 0.72
CA SER B 251 -27.17 -22.36 0.94
C SER B 251 -25.74 -22.68 0.55
N LYS B 252 -25.04 -21.65 0.04
CA LYS B 252 -23.64 -21.81 -0.30
C LYS B 252 -22.76 -22.01 0.92
N SER B 253 -23.25 -21.63 2.11
CA SER B 253 -22.49 -21.86 3.34
C SER B 253 -22.38 -23.35 3.67
N GLU B 254 -23.20 -24.19 3.04
CA GLU B 254 -23.08 -25.63 3.22
C GLU B 254 -21.83 -26.18 2.55
N TYR B 255 -21.22 -25.42 1.64
CA TYR B 255 -20.07 -25.89 0.87
C TYR B 255 -18.78 -25.12 1.13
N THR B 256 -18.86 -23.87 1.62
CA THR B 256 -17.67 -23.05 1.82
C THR B 256 -16.72 -23.62 2.85
N GLY B 257 -17.14 -24.60 3.65
CA GLY B 257 -16.24 -25.20 4.63
C GLY B 257 -15.34 -26.29 4.09
N LEU B 258 -15.61 -26.78 2.88
CA LEU B 258 -14.80 -27.82 2.27
C LEU B 258 -14.13 -27.37 0.98
N GLY B 259 -14.38 -26.15 0.53
CA GLY B 259 -13.75 -25.65 -0.68
C GLY B 259 -14.35 -24.32 -1.08
N ALA B 260 -13.84 -23.80 -2.19
CA ALA B 260 -14.35 -22.55 -2.74
C ALA B 260 -15.68 -22.78 -3.46
N ILE B 261 -16.39 -21.68 -3.70
CA ILE B 261 -17.68 -21.72 -4.37
C ILE B 261 -17.66 -20.73 -5.53
N THR B 262 -18.55 -20.96 -6.49
CA THR B 262 -18.77 -20.02 -7.58
C THR B 262 -19.73 -18.94 -7.10
N GLU B 263 -19.23 -17.71 -6.95
CA GLU B 263 -20.04 -16.61 -6.44
C GLU B 263 -20.78 -15.99 -7.62
N PHE B 264 -21.95 -16.55 -7.94
CA PHE B 264 -22.73 -16.07 -9.06
C PHE B 264 -23.45 -14.77 -8.75
N ARG B 265 -23.60 -14.42 -7.46
CA ARG B 265 -24.12 -13.11 -7.12
C ARG B 265 -23.23 -12.00 -7.65
N HIS B 266 -21.93 -12.25 -7.77
CA HIS B 266 -21.02 -11.28 -8.37
C HIS B 266 -21.34 -11.08 -9.84
N SER B 267 -21.59 -12.17 -10.57
CA SER B 267 -21.86 -12.06 -12.00
C SER B 267 -23.17 -11.34 -12.27
N ASP B 268 -24.22 -11.66 -11.52
CA ASP B 268 -25.51 -11.02 -11.74
C ASP B 268 -25.49 -9.55 -11.31
N SER B 269 -24.78 -9.24 -10.22
CA SER B 269 -24.75 -7.86 -9.74
C SER B 269 -23.88 -6.99 -10.65
N ILE B 270 -22.70 -7.48 -11.05
CA ILE B 270 -21.83 -6.70 -11.92
C ILE B 270 -22.47 -6.48 -13.29
N GLY B 271 -23.40 -7.34 -13.69
CA GLY B 271 -24.11 -7.10 -14.94
C GLY B 271 -25.14 -5.99 -14.82
N LYS B 272 -25.93 -6.01 -13.75
CA LYS B 272 -26.94 -4.98 -13.54
C LYS B 272 -26.32 -3.60 -13.41
N VAL B 273 -25.22 -3.50 -12.66
CA VAL B 273 -24.64 -2.18 -12.36
C VAL B 273 -24.09 -1.54 -13.63
N PHE B 274 -23.29 -2.27 -14.39
CA PHE B 274 -22.66 -1.71 -15.57
C PHE B 274 -23.57 -1.67 -16.79
N ARG B 275 -24.76 -2.26 -16.71
CA ARG B 275 -25.76 -2.13 -17.76
C ARG B 275 -26.66 -0.90 -17.57
N GLY B 276 -26.54 -0.22 -16.44
CA GLY B 276 -27.39 0.91 -16.13
C GLY B 276 -28.55 0.61 -15.21
N LYS B 277 -28.80 -0.67 -14.90
CA LYS B 277 -29.87 -1.03 -13.98
C LYS B 277 -29.54 -0.72 -12.53
N ASP B 278 -28.30 -0.33 -12.23
CA ASP B 278 -27.92 0.11 -10.90
C ASP B 278 -26.81 1.14 -11.03
N GLN B 279 -26.62 1.92 -9.98
CA GLN B 279 -25.68 3.02 -9.99
C GLN B 279 -24.30 2.56 -9.53
N LEU B 280 -23.27 3.18 -10.12
CA LEU B 280 -21.89 2.82 -9.80
C LEU B 280 -21.47 3.26 -8.41
N GLN B 281 -22.14 4.28 -7.85
CA GLN B 281 -21.75 4.78 -6.54
C GLN B 281 -21.93 3.74 -5.44
N TYR B 282 -22.83 2.77 -5.65
CA TYR B 282 -23.06 1.73 -4.66
C TYR B 282 -21.90 0.74 -4.55
N LEU B 283 -20.96 0.78 -5.48
CA LEU B 283 -19.81 -0.14 -5.46
C LEU B 283 -18.82 0.18 -4.35
N THR B 284 -19.09 1.17 -3.50
CA THR B 284 -18.13 1.56 -2.46
C THR B 284 -18.00 0.51 -1.36
N ASN B 285 -18.99 -0.38 -1.21
CA ASN B 285 -18.93 -1.46 -0.23
C ASN B 285 -19.00 -2.82 -0.92
N TRP B 286 -18.41 -2.92 -2.11
CA TRP B 286 -18.37 -4.16 -2.86
C TRP B 286 -17.75 -5.29 -2.04
N GLY B 287 -18.47 -6.38 -1.91
CA GLY B 287 -18.01 -7.51 -1.14
C GLY B 287 -19.19 -8.23 -0.49
N THR B 288 -18.95 -8.69 0.74
CA THR B 288 -19.99 -9.40 1.49
C THR B 288 -21.20 -8.50 1.77
N ALA B 289 -21.03 -7.18 1.74
CA ALA B 289 -22.17 -6.29 1.92
C ALA B 289 -23.18 -6.44 0.79
N TRP B 290 -22.73 -6.89 -0.37
CA TRP B 290 -23.62 -7.21 -1.49
C TRP B 290 -24.11 -8.66 -1.44
N GLY B 291 -23.96 -9.34 -0.31
CA GLY B 291 -24.39 -10.71 -0.18
C GLY B 291 -23.40 -11.75 -0.63
N PHE B 292 -22.17 -11.35 -0.94
CA PHE B 292 -21.17 -12.30 -1.40
C PHE B 292 -20.70 -13.19 -0.26
N ALA B 293 -20.01 -14.27 -0.61
CA ALA B 293 -19.31 -15.09 0.36
C ALA B 293 -17.99 -14.41 0.74
N ALA B 294 -17.20 -15.10 1.56
CA ALA B 294 -15.90 -14.57 1.94
C ALA B 294 -14.97 -14.48 0.73
N SER B 295 -14.08 -13.48 0.77
CA SER B 295 -13.17 -13.26 -0.35
C SER B 295 -12.25 -14.46 -0.56
N ASP B 296 -11.77 -15.06 0.54
CA ASP B 296 -10.91 -16.23 0.46
C ASP B 296 -11.68 -17.52 0.16
N ARG B 297 -12.98 -17.42 -0.16
CA ARG B 297 -13.78 -18.58 -0.50
C ARG B 297 -14.62 -18.35 -1.76
N SER B 298 -14.29 -17.33 -2.54
CA SER B 298 -15.13 -16.88 -3.64
C SER B 298 -14.34 -16.88 -4.95
N LEU B 299 -14.84 -17.62 -5.93
CA LEU B 299 -14.39 -17.53 -7.32
C LEU B 299 -15.35 -16.59 -8.06
N VAL B 300 -14.83 -15.48 -8.55
CA VAL B 300 -15.65 -14.44 -9.16
C VAL B 300 -15.34 -14.35 -10.64
N PHE B 301 -16.33 -13.88 -11.40
CA PHE B 301 -16.25 -13.79 -12.85
C PHE B 301 -17.38 -12.91 -13.34
N VAL B 302 -17.20 -12.36 -14.54
CA VAL B 302 -18.26 -11.59 -15.16
C VAL B 302 -19.32 -12.51 -15.75
N ASP B 303 -18.91 -13.47 -16.57
CA ASP B 303 -19.80 -14.47 -17.12
C ASP B 303 -19.08 -15.80 -17.20
N ASN B 304 -19.86 -16.88 -17.29
CA ASN B 304 -19.33 -18.22 -17.50
C ASN B 304 -20.05 -18.84 -18.69
N HIS B 305 -19.61 -20.04 -19.07
CA HIS B 305 -20.13 -20.68 -20.27
C HIS B 305 -21.64 -20.94 -20.19
N ASP B 306 -22.20 -21.07 -18.99
CA ASP B 306 -23.63 -21.32 -18.86
C ASP B 306 -24.46 -20.04 -18.83
N ASN B 307 -24.10 -19.07 -17.99
CA ASN B 307 -24.92 -17.88 -17.84
C ASN B 307 -24.81 -16.96 -19.05
N GLN B 308 -23.68 -16.97 -19.75
CA GLN B 308 -23.50 -16.11 -20.92
C GLN B 308 -24.44 -16.50 -22.05
N ARG B 309 -25.12 -17.64 -21.94
CA ARG B 309 -26.07 -18.09 -22.93
C ARG B 309 -27.49 -17.61 -22.60
N GLY B 310 -27.63 -16.73 -21.61
CA GLY B 310 -28.90 -16.10 -21.27
C GLY B 310 -29.79 -16.82 -20.28
N HIS B 311 -29.67 -18.13 -20.12
CA HIS B 311 -30.56 -18.85 -19.20
C HIS B 311 -29.83 -19.41 -17.98
N GLY B 312 -28.67 -18.87 -17.64
CA GLY B 312 -27.96 -19.24 -16.42
C GLY B 312 -28.37 -18.39 -15.24
N ALA B 313 -27.43 -18.21 -14.32
CA ALA B 313 -27.67 -17.38 -13.14
C ALA B 313 -27.55 -15.91 -13.52
N GLY B 314 -28.66 -15.18 -13.41
CA GLY B 314 -28.72 -13.76 -13.72
C GLY B 314 -29.56 -13.43 -14.94
N GLY B 315 -29.99 -14.42 -15.71
CA GLY B 315 -30.88 -14.15 -16.82
C GLY B 315 -30.20 -13.33 -17.90
N ALA B 316 -30.91 -12.29 -18.37
CA ALA B 316 -30.41 -11.42 -19.42
C ALA B 316 -29.49 -10.32 -18.91
N ASP B 317 -29.39 -10.16 -17.58
CA ASP B 317 -28.55 -9.10 -17.02
C ASP B 317 -27.06 -9.40 -17.12
N VAL B 318 -26.67 -10.62 -17.48
CA VAL B 318 -25.26 -10.98 -17.54
C VAL B 318 -24.60 -10.28 -18.71
N LEU B 319 -23.41 -9.73 -18.49
CA LEU B 319 -22.65 -9.04 -19.52
C LEU B 319 -21.72 -10.04 -20.22
N THR B 320 -21.77 -10.06 -21.54
CA THR B 320 -20.97 -10.95 -22.37
C THR B 320 -20.15 -10.13 -23.37
N TYR B 321 -19.36 -10.83 -24.18
CA TYR B 321 -18.56 -10.17 -25.20
C TYR B 321 -19.42 -9.42 -26.20
N LYS B 322 -20.69 -9.79 -26.36
CA LYS B 322 -21.56 -9.13 -27.33
C LYS B 322 -21.88 -7.70 -26.93
N VAL B 323 -21.67 -7.33 -25.67
CA VAL B 323 -21.79 -5.95 -25.23
C VAL B 323 -20.39 -5.48 -24.83
N PRO B 324 -19.53 -5.15 -25.80
CA PRO B 324 -18.09 -5.02 -25.48
C PRO B 324 -17.75 -3.86 -24.57
N LYS B 325 -18.36 -2.68 -24.79
CA LYS B 325 -17.97 -1.50 -24.03
C LYS B 325 -18.18 -1.69 -22.53
N GLN B 326 -19.35 -2.21 -22.15
CA GLN B 326 -19.65 -2.40 -20.74
C GLN B 326 -19.08 -3.70 -20.19
N TYR B 327 -18.78 -4.68 -21.07
CA TYR B 327 -18.13 -5.90 -20.63
C TYR B 327 -16.70 -5.64 -20.20
N LYS B 328 -16.00 -4.72 -20.89
CA LYS B 328 -14.63 -4.39 -20.52
C LYS B 328 -14.59 -3.57 -19.24
N MET B 329 -15.55 -2.66 -19.06
CA MET B 329 -15.60 -1.88 -17.83
C MET B 329 -15.85 -2.76 -16.61
N ALA B 330 -16.75 -3.73 -16.75
CA ALA B 330 -17.01 -4.65 -15.64
C ALA B 330 -15.80 -5.53 -15.35
N SER B 331 -15.11 -5.98 -16.41
CA SER B 331 -13.91 -6.79 -16.20
C SER B 331 -12.78 -5.96 -15.60
N ALA B 332 -12.69 -4.68 -15.98
CA ALA B 332 -11.66 -3.82 -15.41
C ALA B 332 -11.91 -3.58 -13.92
N PHE B 333 -13.17 -3.45 -13.51
CA PHE B 333 -13.49 -3.24 -12.11
C PHE B 333 -13.17 -4.50 -11.29
N MET B 334 -13.50 -5.67 -11.82
CA MET B 334 -13.23 -6.92 -11.11
C MET B 334 -11.73 -7.16 -10.98
N LEU B 335 -10.96 -6.90 -12.03
CA LEU B 335 -9.53 -7.14 -11.98
C LEU B 335 -8.80 -6.08 -11.16
N ALA B 336 -9.45 -4.95 -10.88
CA ALA B 336 -8.86 -3.92 -10.03
C ALA B 336 -9.28 -4.02 -8.58
N HIS B 337 -10.39 -4.72 -8.29
CA HIS B 337 -10.89 -4.86 -6.92
C HIS B 337 -10.20 -6.02 -6.22
N PRO B 338 -9.89 -5.88 -4.93
CA PRO B 338 -9.19 -6.95 -4.21
C PRO B 338 -10.05 -8.17 -3.91
N PHE B 339 -11.37 -8.08 -4.07
CA PHE B 339 -12.26 -9.15 -3.63
C PHE B 339 -12.11 -10.39 -4.51
N GLY B 340 -11.91 -11.54 -3.87
CA GLY B 340 -12.06 -12.82 -4.52
C GLY B 340 -10.90 -13.19 -5.43
N THR B 341 -11.14 -14.24 -6.22
CA THR B 341 -10.20 -14.73 -7.22
C THR B 341 -10.83 -14.57 -8.59
N PRO B 342 -10.34 -13.67 -9.43
CA PRO B 342 -11.01 -13.41 -10.72
C PRO B 342 -10.77 -14.52 -11.73
N ARG B 343 -11.81 -14.78 -12.53
CA ARG B 343 -11.74 -15.72 -13.64
C ARG B 343 -12.28 -15.03 -14.88
N VAL B 344 -11.48 -15.01 -15.95
CA VAL B 344 -11.86 -14.35 -17.20
C VAL B 344 -12.37 -15.41 -18.17
N MET B 345 -13.43 -15.08 -18.89
CA MET B 345 -14.04 -15.98 -19.84
C MET B 345 -13.38 -15.85 -21.21
N SER B 346 -13.19 -16.98 -21.88
CA SER B 346 -12.69 -17.03 -23.25
C SER B 346 -13.64 -17.89 -24.06
N SER B 347 -14.45 -17.26 -24.91
CA SER B 347 -15.54 -17.93 -25.59
C SER B 347 -15.25 -18.06 -27.07
N PHE B 348 -16.10 -18.81 -27.76
CA PHE B 348 -16.21 -18.80 -29.21
C PHE B 348 -17.50 -18.10 -29.60
N SER B 349 -17.46 -17.38 -30.73
CA SER B 349 -18.65 -16.65 -31.18
C SER B 349 -19.78 -17.62 -31.49
N PHE B 350 -20.99 -17.24 -31.10
CA PHE B 350 -22.15 -18.10 -31.31
C PHE B 350 -23.40 -17.25 -31.54
N THR B 351 -24.31 -17.79 -32.34
CA THR B 351 -25.65 -17.24 -32.50
C THR B 351 -26.72 -18.23 -32.06
N ASP B 352 -26.33 -19.43 -31.64
CA ASP B 352 -27.24 -20.46 -31.18
C ASP B 352 -26.68 -21.05 -29.89
N THR B 353 -27.48 -21.05 -28.84
CA THR B 353 -26.99 -21.47 -27.52
C THR B 353 -26.63 -22.95 -27.48
N ASP B 354 -27.07 -23.74 -28.46
CA ASP B 354 -26.69 -25.14 -28.54
C ASP B 354 -25.48 -25.38 -29.44
N GLN B 355 -25.13 -24.41 -30.28
CA GLN B 355 -24.02 -24.56 -31.21
C GLN B 355 -22.71 -24.83 -30.48
N GLY B 356 -21.89 -25.70 -31.05
CA GLY B 356 -20.62 -26.06 -30.46
C GLY B 356 -19.46 -25.25 -30.97
N PRO B 357 -18.24 -25.66 -30.62
CA PRO B 357 -17.04 -24.89 -31.00
C PRO B 357 -16.83 -24.93 -32.50
N PRO B 358 -15.99 -24.03 -33.04
CA PRO B 358 -15.74 -24.03 -34.49
C PRO B 358 -15.07 -25.32 -34.93
N THR B 359 -15.40 -25.75 -36.15
CA THR B 359 -14.89 -26.99 -36.70
C THR B 359 -14.28 -26.77 -38.08
N THR B 360 -13.32 -27.60 -38.43
CA THR B 360 -12.78 -27.62 -39.78
C THR B 360 -13.66 -28.43 -40.73
N ASP B 361 -14.50 -29.30 -40.18
CA ASP B 361 -15.56 -29.97 -40.93
C ASP B 361 -16.85 -29.82 -40.15
N GLY B 362 -17.38 -30.92 -39.61
CA GLY B 362 -18.49 -30.83 -38.70
C GLY B 362 -18.20 -31.37 -37.32
N HIS B 363 -16.93 -31.73 -37.07
CA HIS B 363 -16.58 -32.41 -35.83
C HIS B 363 -15.22 -31.98 -35.29
N ASN B 364 -14.20 -31.98 -36.15
CA ASN B 364 -12.85 -31.66 -35.73
C ASN B 364 -12.76 -30.19 -35.34
N ILE B 365 -12.48 -29.92 -34.06
CA ILE B 365 -12.40 -28.55 -33.57
C ILE B 365 -11.30 -27.80 -34.31
N ALA B 366 -11.61 -26.58 -34.75
CA ALA B 366 -10.67 -25.77 -35.51
C ALA B 366 -9.80 -24.94 -34.56
N SER B 367 -8.50 -24.92 -34.84
CA SER B 367 -7.58 -24.18 -33.99
C SER B 367 -7.76 -22.68 -34.19
N PRO B 368 -7.64 -21.88 -33.14
CA PRO B 368 -7.73 -20.43 -33.29
C PRO B 368 -6.54 -19.87 -34.05
N ILE B 369 -6.79 -18.79 -34.79
CA ILE B 369 -5.76 -18.09 -35.55
C ILE B 369 -5.70 -16.65 -35.07
N PHE B 370 -4.54 -16.02 -35.30
CA PHE B 370 -4.23 -14.72 -34.72
C PHE B 370 -3.78 -13.76 -35.80
N ASN B 371 -4.14 -12.48 -35.62
CA ASN B 371 -3.77 -11.42 -36.54
C ASN B 371 -2.55 -10.67 -35.99
N SER B 372 -2.09 -9.66 -36.74
CA SER B 372 -0.91 -8.91 -36.31
C SER B 372 -1.20 -8.05 -35.08
N ASP B 373 -2.44 -7.60 -34.91
CA ASP B 373 -2.82 -6.87 -33.71
C ASP B 373 -2.74 -7.72 -32.45
N ASN B 374 -2.61 -9.05 -32.60
CA ASN B 374 -2.69 -10.05 -31.53
C ASN B 374 -4.12 -10.38 -31.15
N SER B 375 -5.07 -10.16 -32.05
CA SER B 375 -6.45 -10.53 -31.81
C SER B 375 -6.74 -11.90 -32.38
N CYS B 376 -7.88 -12.47 -31.98
CA CYS B 376 -8.25 -13.81 -32.39
C CYS B 376 -9.12 -13.77 -33.65
N SER B 377 -9.15 -14.90 -34.35
CA SER B 377 -10.02 -15.08 -35.50
C SER B 377 -10.31 -16.57 -35.64
N GLY B 378 -11.09 -16.91 -36.67
CA GLY B 378 -11.41 -18.29 -36.93
C GLY B 378 -12.54 -18.85 -36.09
N GLY B 379 -13.45 -18.01 -35.64
CA GLY B 379 -14.59 -18.46 -34.84
C GLY B 379 -14.45 -18.26 -33.35
N TRP B 380 -13.33 -17.71 -32.88
CA TRP B 380 -13.11 -17.46 -31.48
C TRP B 380 -12.95 -15.97 -31.24
N VAL B 381 -13.44 -15.51 -30.09
CA VAL B 381 -13.32 -14.09 -29.73
C VAL B 381 -12.06 -13.84 -28.91
N CYS B 382 -11.73 -14.74 -27.99
CA CYS B 382 -10.53 -14.65 -27.16
C CYS B 382 -10.51 -13.35 -26.37
N GLU B 383 -11.42 -13.28 -25.39
CA GLU B 383 -11.49 -12.10 -24.53
C GLU B 383 -10.21 -11.91 -23.73
N HIS B 384 -9.50 -12.99 -23.43
CA HIS B 384 -8.25 -12.90 -22.68
C HIS B 384 -7.15 -12.20 -23.48
N ARG B 385 -7.32 -12.01 -24.78
CA ARG B 385 -6.36 -11.31 -25.61
C ARG B 385 -6.74 -9.85 -25.88
N TRP B 386 -7.83 -9.36 -25.28
CA TRP B 386 -8.19 -7.96 -25.42
C TRP B 386 -7.26 -7.11 -24.56
N ARG B 387 -6.75 -6.02 -25.16
CA ARG B 387 -5.80 -5.16 -24.45
C ARG B 387 -6.39 -4.64 -23.15
N GLN B 388 -7.68 -4.28 -23.16
CA GLN B 388 -8.32 -3.75 -21.96
C GLN B 388 -8.42 -4.79 -20.84
N ILE B 389 -8.26 -6.07 -21.17
CA ILE B 389 -8.41 -7.15 -20.20
C ILE B 389 -7.06 -7.62 -19.67
N TYR B 390 -6.12 -7.97 -20.55
CA TYR B 390 -4.85 -8.51 -20.08
C TYR B 390 -3.95 -7.43 -19.49
N ASN B 391 -4.17 -6.16 -19.85
CA ASN B 391 -3.44 -5.08 -19.19
C ASN B 391 -4.00 -4.79 -17.81
N MET B 392 -5.26 -5.16 -17.55
CA MET B 392 -5.81 -5.05 -16.21
C MET B 392 -5.34 -6.20 -15.32
N VAL B 393 -5.01 -7.35 -15.93
CA VAL B 393 -4.37 -8.42 -15.18
C VAL B 393 -2.99 -7.99 -14.71
N ALA B 394 -2.24 -7.29 -15.58
CA ALA B 394 -0.97 -6.71 -15.17
C ALA B 394 -1.18 -5.63 -14.12
N PHE B 395 -2.30 -4.91 -14.18
CA PHE B 395 -2.66 -3.97 -13.13
C PHE B 395 -2.81 -4.68 -11.79
N ARG B 396 -3.50 -5.83 -11.79
CA ARG B 396 -3.67 -6.59 -10.56
C ARG B 396 -2.35 -7.11 -10.03
N ASN B 397 -1.45 -7.54 -10.93
CA ASN B 397 -0.16 -8.06 -10.51
C ASN B 397 0.75 -6.97 -9.95
N ALA B 398 0.53 -5.71 -10.32
CA ALA B 398 1.37 -4.62 -9.87
C ALA B 398 0.93 -4.05 -8.53
N VAL B 399 -0.35 -4.18 -8.17
CA VAL B 399 -0.85 -3.58 -6.94
C VAL B 399 -0.72 -4.50 -5.73
N GLY B 400 -0.64 -5.81 -5.94
CA GLY B 400 -0.46 -6.73 -4.83
C GLY B 400 -1.63 -6.70 -3.86
N SER B 401 -1.32 -6.66 -2.56
CA SER B 401 -2.32 -6.63 -1.51
C SER B 401 -2.67 -5.23 -1.05
N ASP B 402 -2.34 -4.21 -1.84
CA ASP B 402 -2.64 -2.83 -1.46
C ASP B 402 -4.14 -2.60 -1.37
N GLU B 403 -4.55 -1.86 -0.35
CA GLU B 403 -5.96 -1.66 -0.09
C GLU B 403 -6.50 -0.49 -0.92
N ILE B 404 -7.83 -0.43 -1.01
CA ILE B 404 -8.49 0.65 -1.75
C ILE B 404 -8.41 1.94 -0.95
N GLN B 405 -8.00 3.01 -1.61
CA GLN B 405 -7.97 4.34 -1.01
C GLN B 405 -8.44 5.35 -2.05
N ASN B 406 -8.70 6.58 -1.58
CA ASN B 406 -9.02 7.72 -2.44
C ASN B 406 -10.27 7.47 -3.27
N TRP B 407 -11.31 6.95 -2.62
CA TRP B 407 -12.56 6.72 -3.31
C TRP B 407 -13.26 8.05 -3.61
N TRP B 408 -13.72 8.20 -4.85
CA TRP B 408 -14.47 9.38 -5.26
C TRP B 408 -15.63 8.94 -6.14
N ASP B 409 -16.74 9.66 -6.03
CA ASP B 409 -17.87 9.43 -6.92
C ASP B 409 -18.71 10.69 -7.00
N ASN B 410 -19.49 10.80 -8.07
CA ASN B 410 -20.35 11.95 -8.32
C ASN B 410 -21.80 11.69 -7.96
N GLY B 411 -22.08 10.60 -7.23
CA GLY B 411 -23.43 10.26 -6.86
C GLY B 411 -24.20 9.46 -7.89
N SER B 412 -23.61 9.19 -9.05
CA SER B 412 -24.29 8.41 -10.09
C SER B 412 -23.38 7.31 -10.63
N ASN B 413 -22.80 7.55 -11.80
CA ASN B 413 -22.03 6.53 -12.51
C ASN B 413 -20.64 7.02 -12.89
N GLN B 414 -20.04 7.87 -12.07
CA GLN B 414 -18.65 8.30 -12.25
C GLN B 414 -17.91 8.03 -10.94
N ILE B 415 -17.00 7.06 -10.95
CA ILE B 415 -16.27 6.66 -9.76
C ILE B 415 -14.78 6.58 -10.09
N SER B 416 -13.97 6.63 -9.04
CA SER B 416 -12.54 6.44 -9.16
C SER B 416 -11.98 6.05 -7.80
N PHE B 417 -10.95 5.20 -7.82
CA PHE B 417 -10.27 4.80 -6.60
C PHE B 417 -8.87 4.33 -6.97
N SER B 418 -8.06 4.10 -5.93
CA SER B 418 -6.70 3.63 -6.11
C SER B 418 -6.48 2.39 -5.26
N ARG B 419 -5.54 1.55 -5.69
CA ARG B 419 -5.11 0.38 -4.94
C ARG B 419 -3.81 0.76 -4.23
N GLY B 420 -3.92 1.15 -2.96
CA GLY B 420 -2.75 1.65 -2.24
C GLY B 420 -2.19 2.86 -2.95
N SER B 421 -0.88 2.83 -3.20
CA SER B 421 -0.21 3.87 -3.98
C SER B 421 0.43 3.29 -5.24
N ARG B 422 -0.18 2.24 -5.81
CA ARG B 422 0.41 1.52 -6.92
C ARG B 422 -0.44 1.51 -8.19
N GLY B 423 -1.73 1.78 -8.11
CA GLY B 423 -2.58 1.78 -9.28
C GLY B 423 -3.81 2.63 -9.08
N PHE B 424 -4.34 3.16 -10.18
CA PHE B 424 -5.51 4.02 -10.15
C PHE B 424 -6.42 3.68 -11.33
N VAL B 425 -7.72 3.82 -11.10
CA VAL B 425 -8.73 3.52 -12.12
C VAL B 425 -9.86 4.53 -12.00
N ALA B 426 -10.54 4.76 -13.13
CA ALA B 426 -11.67 5.68 -13.18
C ALA B 426 -12.68 5.17 -14.20
N PHE B 427 -13.96 5.39 -13.91
CA PHE B 427 -15.05 4.90 -14.75
C PHE B 427 -16.03 6.03 -15.03
N ASN B 428 -16.63 5.98 -16.21
CA ASN B 428 -17.68 6.93 -16.60
C ASN B 428 -18.79 6.15 -17.30
N ASN B 429 -19.89 5.89 -16.59
CA ASN B 429 -21.06 5.25 -17.15
C ASN B 429 -22.25 6.21 -17.24
N ASP B 430 -22.02 7.50 -17.04
CA ASP B 430 -23.07 8.50 -17.14
C ASP B 430 -23.28 8.92 -18.59
N ASN B 431 -24.40 9.61 -18.83
CA ASN B 431 -24.72 10.12 -20.16
C ASN B 431 -24.00 11.43 -20.48
N TYR B 432 -23.05 11.84 -19.64
CA TYR B 432 -22.27 13.05 -19.88
C TYR B 432 -20.81 12.75 -19.61
N ASP B 433 -19.94 13.62 -20.10
CA ASP B 433 -18.50 13.36 -20.05
C ASP B 433 -17.97 13.49 -18.62
N LEU B 434 -16.76 13.00 -18.43
CA LEU B 434 -16.03 13.11 -17.17
C LEU B 434 -14.75 13.88 -17.45
N ASN B 435 -14.65 15.10 -16.91
CA ASN B 435 -13.48 15.97 -17.09
C ASN B 435 -13.19 16.61 -15.74
N SER B 436 -12.49 15.87 -14.88
CA SER B 436 -12.28 16.30 -13.51
C SER B 436 -10.84 16.01 -13.09
N SER B 437 -10.35 16.80 -12.15
CA SER B 437 -9.04 16.58 -11.52
C SER B 437 -9.24 15.69 -10.32
N LEU B 438 -8.87 14.41 -10.45
CA LEU B 438 -9.06 13.42 -9.41
C LEU B 438 -7.75 13.13 -8.71
N GLN B 439 -7.83 12.82 -7.42
CA GLN B 439 -6.65 12.41 -6.67
C GLN B 439 -6.30 10.98 -7.06
N THR B 440 -5.07 10.78 -7.53
CA THR B 440 -4.67 9.49 -8.08
C THR B 440 -3.85 8.65 -7.11
N GLY B 441 -3.15 9.27 -6.17
CA GLY B 441 -2.42 8.53 -5.14
C GLY B 441 -1.08 7.97 -5.57
N LEU B 442 -0.69 8.14 -6.83
CA LEU B 442 0.55 7.60 -7.35
C LEU B 442 1.66 8.64 -7.29
N PRO B 443 2.93 8.21 -7.35
CA PRO B 443 4.02 9.18 -7.44
C PRO B 443 3.87 10.07 -8.66
N ALA B 444 4.43 11.27 -8.57
CA ALA B 444 4.35 12.22 -9.67
C ALA B 444 5.10 11.69 -10.88
N GLY B 445 4.54 11.94 -12.05
CA GLY B 445 5.18 11.51 -13.29
C GLY B 445 4.15 11.37 -14.39
N THR B 446 4.57 10.69 -15.46
CA THR B 446 3.75 10.47 -16.64
C THR B 446 3.44 8.98 -16.75
N TYR B 447 2.16 8.65 -16.86
CA TYR B 447 1.71 7.27 -16.93
C TYR B 447 0.97 7.02 -18.23
N CYS B 448 1.08 5.79 -18.74
CA CYS B 448 0.35 5.37 -19.93
C CYS B 448 -0.97 4.74 -19.52
N ASP B 449 -2.05 5.19 -20.16
CA ASP B 449 -3.35 4.57 -19.96
C ASP B 449 -3.33 3.17 -20.55
N VAL B 450 -3.33 2.15 -19.67
CA VAL B 450 -3.24 0.77 -20.14
C VAL B 450 -4.53 0.26 -20.74
N ILE B 451 -5.61 1.03 -20.64
CA ILE B 451 -6.87 0.65 -21.29
C ILE B 451 -6.84 1.00 -22.77
N SER B 452 -6.32 2.18 -23.11
CA SER B 452 -6.29 2.65 -24.49
C SER B 452 -4.97 2.34 -25.20
N GLY B 453 -3.96 1.86 -24.47
CA GLY B 453 -2.69 1.54 -25.09
C GLY B 453 -1.72 0.86 -24.14
N SER B 454 -0.43 0.99 -24.41
CA SER B 454 0.59 0.39 -23.57
C SER B 454 1.87 1.22 -23.66
N LYS B 455 2.84 0.85 -22.84
CA LYS B 455 4.16 1.48 -22.87
C LYS B 455 5.06 0.79 -23.88
N SER B 456 5.76 1.59 -24.68
CA SER B 456 6.73 1.09 -25.64
C SER B 456 7.98 1.94 -25.54
N GLY B 457 9.04 1.39 -24.95
CA GLY B 457 10.24 2.15 -24.70
C GLY B 457 10.00 3.25 -23.69
N SER B 458 9.98 4.50 -24.17
CA SER B 458 9.72 5.65 -23.31
C SER B 458 8.47 6.41 -23.74
N SER B 459 7.60 5.78 -24.53
CA SER B 459 6.38 6.41 -25.02
C SER B 459 5.18 5.51 -24.73
N CYS B 460 3.99 6.06 -24.91
CA CYS B 460 2.74 5.35 -24.70
C CYS B 460 2.00 5.22 -26.02
N THR B 461 1.34 4.08 -26.20
CA THR B 461 0.58 3.83 -27.43
C THR B 461 -0.73 4.61 -27.46
N GLY B 462 -1.37 4.79 -26.31
CA GLY B 462 -2.63 5.51 -26.27
C GLY B 462 -2.53 6.83 -25.54
N LYS B 463 -3.46 7.08 -24.61
CA LYS B 463 -3.47 8.32 -23.86
C LYS B 463 -2.38 8.34 -22.80
N THR B 464 -1.93 9.54 -22.46
CA THR B 464 -0.98 9.76 -21.38
C THR B 464 -1.66 10.48 -20.23
N VAL B 465 -1.28 10.13 -19.01
CA VAL B 465 -1.82 10.75 -17.81
C VAL B 465 -0.65 11.31 -17.01
N THR B 466 -0.68 12.60 -16.73
CA THR B 466 0.37 13.28 -15.99
C THR B 466 -0.11 13.52 -14.55
N VAL B 467 0.65 13.01 -13.59
CA VAL B 467 0.32 13.13 -12.18
C VAL B 467 1.21 14.20 -11.57
N GLY B 468 0.60 15.22 -10.98
CA GLY B 468 1.34 16.31 -10.39
C GLY B 468 1.96 15.95 -9.05
N SER B 469 2.68 16.93 -8.49
CA SER B 469 3.35 16.71 -7.22
C SER B 469 2.38 16.50 -6.07
N ASP B 470 1.11 16.90 -6.23
CA ASP B 470 0.10 16.70 -5.22
C ASP B 470 -0.68 15.39 -5.40
N GLY B 471 -0.30 14.57 -6.36
CA GLY B 471 -1.00 13.33 -6.63
C GLY B 471 -2.24 13.46 -7.49
N ARG B 472 -2.60 14.67 -7.91
CA ARG B 472 -3.79 14.89 -8.70
C ARG B 472 -3.44 14.87 -10.19
N ALA B 473 -4.40 14.39 -10.99
CA ALA B 473 -4.20 14.27 -12.43
C ALA B 473 -5.52 14.59 -13.14
N SER B 474 -5.40 15.10 -14.36
CA SER B 474 -6.57 15.42 -15.17
C SER B 474 -7.06 14.16 -15.88
N ILE B 475 -8.26 13.72 -15.52
CA ILE B 475 -8.86 12.50 -16.07
C ILE B 475 -10.02 12.87 -16.96
N ASN B 476 -9.98 12.39 -18.21
CA ASN B 476 -11.00 12.71 -19.20
C ASN B 476 -11.48 11.40 -19.84
N ILE B 477 -12.77 11.12 -19.68
CA ILE B 477 -13.42 9.97 -20.29
C ILE B 477 -14.73 10.45 -20.91
N GLY B 478 -14.75 10.57 -22.24
CA GLY B 478 -15.97 10.95 -22.92
C GLY B 478 -17.03 9.85 -22.82
N SER B 479 -18.29 10.26 -22.69
CA SER B 479 -19.38 9.31 -22.56
C SER B 479 -19.67 8.55 -23.85
N SER B 480 -19.09 8.97 -24.97
CA SER B 480 -19.30 8.31 -26.25
C SER B 480 -18.01 7.68 -26.78
N GLU B 481 -16.93 7.71 -26.01
CA GLU B 481 -15.71 7.03 -26.41
C GLU B 481 -15.93 5.52 -26.43
N ASP B 482 -15.07 4.81 -27.17
CA ASP B 482 -15.20 3.37 -27.27
C ASP B 482 -14.98 2.68 -25.93
N ASP B 483 -14.13 3.27 -25.08
CA ASP B 483 -13.88 2.75 -23.75
C ASP B 483 -14.40 3.74 -22.70
N GLY B 484 -14.91 3.20 -21.61
CA GLY B 484 -15.41 4.04 -20.53
C GLY B 484 -14.66 3.85 -19.24
N VAL B 485 -13.37 3.55 -19.34
CA VAL B 485 -12.54 3.28 -18.17
C VAL B 485 -11.11 3.67 -18.47
N LEU B 486 -10.44 4.24 -17.47
CA LEU B 486 -9.03 4.61 -17.55
C LEU B 486 -8.28 3.95 -16.40
N ALA B 487 -7.03 3.58 -16.65
CA ALA B 487 -6.25 2.86 -15.66
C ALA B 487 -4.77 3.16 -15.83
N ILE B 488 -4.08 3.36 -14.70
CA ILE B 488 -2.65 3.61 -14.66
C ILE B 488 -2.07 2.90 -13.45
N HIS B 489 -0.80 2.52 -13.54
CA HIS B 489 -0.13 1.84 -12.44
C HIS B 489 1.38 2.07 -12.57
N VAL B 490 2.10 1.74 -11.49
CA VAL B 490 3.52 2.07 -11.40
C VAL B 490 4.37 1.22 -12.33
N ASN B 491 3.87 0.08 -12.80
CA ASN B 491 4.60 -0.76 -13.74
C ASN B 491 4.36 -0.34 -15.18
N ALA B 492 3.90 0.88 -15.41
CA ALA B 492 3.69 1.41 -16.75
C ALA B 492 3.89 2.93 -16.73
N LYS B 493 4.97 3.37 -16.09
CA LYS B 493 5.29 4.78 -15.96
C LYS B 493 6.16 5.23 -17.13
N LEU B 494 6.11 6.54 -17.40
CA LEU B 494 6.84 7.18 -18.51
C LEU B 494 6.19 6.79 -19.85
CL CL C . 18.32 22.15 12.75
SR SR D . 27.82 36.32 9.55
SR SR E . 30.77 -5.39 24.71
CL CL F . -18.51 -22.38 -13.17
SR SR G . -27.05 -36.01 -7.33
SR SR H . -23.56 8.04 -1.96
#